data_2E6B
#
_entry.id   2E6B
#
_cell.length_a   132.018
_cell.length_b   132.018
_cell.length_c   130.824
_cell.angle_alpha   90.00
_cell.angle_beta   90.00
_cell.angle_gamma   120.00
#
_symmetry.space_group_name_H-M   'P 31 2 1'
#
loop_
_entity.id
_entity.type
_entity.pdbx_description
1 polymer "5'-nucleotidase surE"
2 non-polymer 'MAGNESIUM ION'
3 non-polymer TUNGSTATE(VI)ION
4 non-polymer 'SULFATE ION'
5 non-polymer GLYCEROL
6 water water
#
_entity_poly.entity_id   1
_entity_poly.type   'polypeptide(L)'
_entity_poly.pdbx_seq_one_letter_code
;MRILVTNDDGIYSPGLWALAEAASQFGEVFVAAPDTEQSAAGHAITIAHPVRAYPHPSPLHAPHFPAYRVRGTPADCVAL
GLHLFGPVDLVLSGVNLGSNLGHEIWHSGTVAAAKQGYLFGLSAAAFSVPLNGEVPDFAGLRPWLLRTLETLLRLERPFL
VNVNLPLRPKGFLWTRQSVRAYEGVVIPGEDPMGRPFYWFAPRPLKEAEEGTDRWAVAQGFVSATPLRLDLTDETRLQPT
LAHD
;
_entity_poly.pdbx_strand_id   A,B,C,D
#
loop_
_chem_comp.id
_chem_comp.type
_chem_comp.name
_chem_comp.formula
GOL non-polymer GLYCEROL 'C3 H8 O3'
MG non-polymer 'MAGNESIUM ION' 'Mg 2'
SO4 non-polymer 'SULFATE ION' 'O4 S -2'
WO4 non-polymer TUNGSTATE(VI)ION 'O4 W -2'
#
# COMPACT_ATOMS: atom_id res chain seq x y z
N MET A 1 -32.84 -8.29 -15.55
CA MET A 1 -31.37 -8.48 -15.48
C MET A 1 -30.79 -7.79 -14.25
N ARG A 2 -29.93 -8.52 -13.54
CA ARG A 2 -29.29 -8.00 -12.34
C ARG A 2 -27.84 -7.64 -12.66
N ILE A 3 -27.45 -6.40 -12.34
CA ILE A 3 -26.12 -5.91 -12.63
C ILE A 3 -25.30 -5.53 -11.39
N LEU A 4 -24.07 -6.03 -11.36
CA LEU A 4 -23.15 -5.74 -10.27
C LEU A 4 -22.17 -4.68 -10.75
N VAL A 5 -22.12 -3.55 -10.04
CA VAL A 5 -21.21 -2.49 -10.41
C VAL A 5 -20.12 -2.38 -9.35
N THR A 6 -18.88 -2.26 -9.81
CA THR A 6 -17.73 -2.13 -8.94
C THR A 6 -16.74 -1.23 -9.68
N ASN A 7 -15.61 -0.96 -9.06
CA ASN A 7 -14.58 -0.12 -9.68
C ASN A 7 -13.32 -0.37 -8.87
N ASP A 8 -12.30 0.45 -9.07
CA ASP A 8 -11.11 0.26 -8.27
C ASP A 8 -10.64 1.54 -7.62
N ASP A 9 -11.45 2.59 -7.76
CA ASP A 9 -11.14 3.87 -7.14
C ASP A 9 -11.81 3.99 -5.76
N GLY A 10 -12.63 3.02 -5.41
CA GLY A 10 -13.30 3.06 -4.12
C GLY A 10 -14.74 3.52 -4.13
N ILE A 11 -15.40 3.32 -3.00
CA ILE A 11 -16.81 3.63 -2.81
C ILE A 11 -17.23 5.11 -2.97
N TYR A 12 -16.30 6.05 -2.81
CA TYR A 12 -16.63 7.47 -2.94
C TYR A 12 -16.34 8.08 -4.31
N SER A 13 -15.89 7.26 -5.24
CA SER A 13 -15.58 7.77 -6.57
C SER A 13 -16.84 8.14 -7.37
N PRO A 14 -16.87 9.35 -7.94
CA PRO A 14 -18.04 9.76 -8.72
C PRO A 14 -18.19 8.90 -9.98
N GLY A 15 -17.07 8.33 -10.44
CA GLY A 15 -17.14 7.48 -11.61
C GLY A 15 -17.96 6.23 -11.32
N LEU A 16 -17.88 5.75 -10.08
CA LEU A 16 -18.61 4.56 -9.68
C LEU A 16 -20.12 4.78 -9.71
N TRP A 17 -20.58 5.89 -9.12
CA TRP A 17 -22.00 6.17 -9.07
C TRP A 17 -22.57 6.57 -10.43
N ALA A 18 -21.72 7.08 -11.30
CA ALA A 18 -22.15 7.45 -12.65
C ALA A 18 -22.46 6.15 -13.39
N LEU A 19 -21.62 5.13 -13.20
CA LEU A 19 -21.83 3.87 -13.89
C LEU A 19 -23.04 3.13 -13.32
N ALA A 20 -23.25 3.27 -12.02
CA ALA A 20 -24.40 2.63 -11.38
C ALA A 20 -25.70 3.22 -11.92
N GLU A 21 -25.76 4.54 -12.01
CA GLU A 21 -26.95 5.23 -12.49
C GLU A 21 -27.21 4.90 -13.96
N ALA A 22 -26.16 4.86 -14.76
CA ALA A 22 -26.29 4.56 -16.18
C ALA A 22 -26.74 3.11 -16.34
N ALA A 23 -26.13 2.23 -15.56
CA ALA A 23 -26.43 0.82 -15.59
C ALA A 23 -27.87 0.55 -15.15
N SER A 24 -28.37 1.36 -14.22
CA SER A 24 -29.72 1.17 -13.70
C SER A 24 -30.82 1.36 -14.76
N GLN A 25 -30.46 2.00 -15.88
CA GLN A 25 -31.44 2.18 -16.94
C GLN A 25 -31.65 0.86 -17.67
N PHE A 26 -30.91 -0.17 -17.28
CA PHE A 26 -31.02 -1.47 -17.94
C PHE A 26 -31.29 -2.67 -17.03
N GLY A 27 -31.38 -2.44 -15.72
CA GLY A 27 -31.66 -3.55 -14.82
C GLY A 27 -31.34 -3.22 -13.38
N GLU A 28 -31.63 -4.15 -12.48
CA GLU A 28 -31.35 -3.95 -11.06
C GLU A 28 -29.84 -3.88 -10.85
N VAL A 29 -29.39 -2.79 -10.26
CA VAL A 29 -27.98 -2.54 -9.99
C VAL A 29 -27.61 -2.69 -8.52
N PHE A 30 -26.51 -3.36 -8.27
CA PHE A 30 -26.02 -3.55 -6.91
C PHE A 30 -24.56 -3.14 -6.94
N VAL A 31 -24.13 -2.45 -5.89
CA VAL A 31 -22.77 -1.96 -5.82
C VAL A 31 -21.94 -2.61 -4.72
N ALA A 32 -20.70 -2.92 -5.07
CA ALA A 32 -19.71 -3.50 -4.16
C ALA A 32 -18.39 -2.90 -4.64
N ALA A 33 -17.88 -1.94 -3.87
CA ALA A 33 -16.65 -1.28 -4.24
C ALA A 33 -15.56 -1.54 -3.22
N PRO A 34 -14.30 -1.61 -3.68
CA PRO A 34 -13.17 -1.86 -2.78
C PRO A 34 -13.01 -0.68 -1.86
N ASP A 35 -12.44 -0.93 -0.69
CA ASP A 35 -12.21 0.13 0.28
C ASP A 35 -10.70 0.35 0.29
N THR A 36 -10.31 1.55 -0.14
CA THR A 36 -8.92 2.00 -0.22
C THR A 36 -8.73 2.78 -1.51
N GLY A 42 -2.97 -5.85 -4.97
CA GLY A 42 -3.20 -7.11 -5.74
C GLY A 42 -4.47 -7.06 -6.57
N HIS A 43 -4.66 -8.05 -7.44
CA HIS A 43 -5.84 -8.11 -8.31
C HIS A 43 -6.60 -9.41 -8.18
N ALA A 44 -5.97 -10.42 -7.61
CA ALA A 44 -6.62 -11.72 -7.47
C ALA A 44 -7.63 -11.73 -6.33
N ILE A 45 -8.43 -12.79 -6.27
CA ILE A 45 -9.42 -12.94 -5.20
C ILE A 45 -8.67 -13.40 -3.96
N THR A 46 -8.87 -12.69 -2.85
CA THR A 46 -8.20 -13.03 -1.58
C THR A 46 -8.76 -14.35 -1.04
N ILE A 47 -7.93 -15.39 -0.99
CA ILE A 47 -8.39 -16.68 -0.47
C ILE A 47 -7.68 -17.04 0.83
N ALA A 48 -6.49 -16.47 1.03
CA ALA A 48 -5.70 -16.73 2.22
C ALA A 48 -6.45 -16.51 3.54
N HIS A 49 -7.09 -15.36 3.68
CA HIS A 49 -7.83 -15.03 4.89
C HIS A 49 -9.21 -14.44 4.61
N PRO A 50 -10.02 -14.26 5.66
CA PRO A 50 -11.37 -13.70 5.52
C PRO A 50 -11.34 -12.21 5.19
N VAL A 51 -12.36 -11.75 4.49
CA VAL A 51 -12.48 -10.35 4.09
C VAL A 51 -13.66 -9.67 4.77
N ARG A 52 -13.48 -8.40 5.14
CA ARG A 52 -14.53 -7.64 5.77
C ARG A 52 -15.30 -6.91 4.67
N ALA A 53 -16.61 -6.77 4.88
CA ALA A 53 -17.48 -6.07 3.95
C ALA A 53 -18.64 -5.54 4.76
N TYR A 54 -18.92 -4.24 4.62
CA TYR A 54 -19.99 -3.62 5.39
C TYR A 54 -21.03 -2.96 4.48
N PRO A 55 -22.32 -3.01 4.86
CA PRO A 55 -23.36 -2.38 4.04
C PRO A 55 -22.99 -0.90 3.96
N HIS A 56 -23.20 -0.29 2.80
CA HIS A 56 -22.84 1.11 2.65
C HIS A 56 -23.99 1.90 2.04
N PRO A 57 -24.34 3.04 2.64
CA PRO A 57 -25.42 3.85 2.10
C PRO A 57 -24.94 4.63 0.89
N SER A 58 -25.61 4.47 -0.25
CA SER A 58 -25.23 5.18 -1.47
C SER A 58 -25.26 6.68 -1.21
N PRO A 59 -24.45 7.45 -1.95
CA PRO A 59 -24.40 8.90 -1.77
C PRO A 59 -25.73 9.66 -1.87
N LEU A 60 -25.81 10.77 -1.15
CA LEU A 60 -27.02 11.59 -1.12
C LEU A 60 -27.45 12.07 -2.51
N HIS A 61 -26.50 12.50 -3.33
CA HIS A 61 -26.86 12.99 -4.65
C HIS A 61 -26.68 11.98 -5.77
N ALA A 62 -27.32 10.83 -5.58
CA ALA A 62 -27.32 9.73 -6.52
C ALA A 62 -28.53 8.89 -6.17
N PRO A 63 -29.13 8.20 -7.15
CA PRO A 63 -30.29 7.37 -6.85
C PRO A 63 -29.87 6.32 -5.84
N HIS A 64 -30.81 5.74 -5.12
CA HIS A 64 -30.40 4.72 -4.16
C HIS A 64 -29.94 3.44 -4.83
N PHE A 65 -28.97 2.78 -4.20
CA PHE A 65 -28.45 1.52 -4.72
C PHE A 65 -27.98 0.70 -3.55
N PRO A 66 -28.37 -0.58 -3.50
CA PRO A 66 -27.87 -1.38 -2.37
C PRO A 66 -26.34 -1.39 -2.57
N ALA A 67 -25.57 -1.16 -1.52
CA ALA A 67 -24.13 -1.11 -1.70
C ALA A 67 -23.28 -1.65 -0.55
N TYR A 68 -22.10 -2.14 -0.91
CA TYR A 68 -21.16 -2.66 0.08
C TYR A 68 -19.76 -2.12 -0.16
N ARG A 69 -19.12 -1.75 0.95
CA ARG A 69 -17.75 -1.27 0.95
C ARG A 69 -17.00 -2.55 1.28
N VAL A 70 -16.05 -2.94 0.44
CA VAL A 70 -15.34 -4.18 0.70
C VAL A 70 -13.86 -3.96 1.01
N ARG A 71 -13.40 -4.57 2.09
CA ARG A 71 -12.00 -4.45 2.49
C ARG A 71 -11.21 -5.50 1.71
N GLY A 72 -11.20 -5.34 0.39
CA GLY A 72 -10.49 -6.28 -0.45
C GLY A 72 -10.22 -5.70 -1.82
N THR A 73 -9.90 -6.58 -2.77
CA THR A 73 -9.60 -6.18 -4.13
C THR A 73 -10.88 -6.05 -4.97
N PRO A 74 -10.77 -5.43 -6.15
CA PRO A 74 -11.93 -5.27 -7.04
C PRO A 74 -12.50 -6.66 -7.37
N ALA A 75 -11.61 -7.63 -7.55
CA ALA A 75 -12.03 -9.01 -7.85
C ALA A 75 -12.82 -9.57 -6.68
N ASP A 76 -12.37 -9.26 -5.47
CA ASP A 76 -13.04 -9.71 -4.25
C ASP A 76 -14.47 -9.17 -4.26
N CYS A 77 -14.62 -7.93 -4.70
CA CYS A 77 -15.94 -7.29 -4.76
C CYS A 77 -16.87 -8.07 -5.68
N VAL A 78 -16.30 -8.68 -6.72
CA VAL A 78 -17.10 -9.46 -7.63
C VAL A 78 -17.48 -10.75 -6.92
N ALA A 79 -16.48 -11.41 -6.34
CA ALA A 79 -16.75 -12.65 -5.63
C ALA A 79 -17.78 -12.42 -4.52
N LEU A 80 -17.61 -11.35 -3.75
CA LEU A 80 -18.56 -11.06 -2.67
C LEU A 80 -19.91 -10.68 -3.26
N GLY A 81 -19.89 -9.85 -4.30
CA GLY A 81 -21.11 -9.41 -4.96
C GLY A 81 -22.00 -10.52 -5.48
N LEU A 82 -21.42 -11.53 -6.13
CA LEU A 82 -22.24 -12.63 -6.66
C LEU A 82 -22.92 -13.39 -5.53
N HIS A 83 -22.37 -13.27 -4.33
CA HIS A 83 -22.92 -13.97 -3.19
C HIS A 83 -23.99 -13.18 -2.45
N LEU A 84 -23.77 -11.89 -2.29
CA LEU A 84 -24.74 -11.06 -1.58
C LEU A 84 -25.92 -10.69 -2.46
N PHE A 85 -25.66 -10.50 -3.75
CA PHE A 85 -26.72 -10.11 -4.68
C PHE A 85 -27.06 -11.17 -5.71
N GLY A 86 -26.50 -12.37 -5.56
CA GLY A 86 -26.78 -13.43 -6.53
C GLY A 86 -28.26 -13.64 -6.81
N PRO A 87 -28.63 -13.99 -8.05
CA PRO A 87 -27.74 -14.20 -9.20
C PRO A 87 -27.50 -12.90 -9.98
N VAL A 88 -26.29 -12.75 -10.50
CA VAL A 88 -25.93 -11.55 -11.25
C VAL A 88 -25.81 -11.95 -12.72
N ASP A 89 -26.17 -11.05 -13.62
CA ASP A 89 -26.10 -11.34 -15.05
C ASP A 89 -24.96 -10.61 -15.70
N LEU A 90 -24.63 -9.46 -15.15
CA LEU A 90 -23.57 -8.63 -15.70
C LEU A 90 -22.71 -7.99 -14.63
N VAL A 91 -21.42 -7.89 -14.91
CA VAL A 91 -20.49 -7.25 -13.99
C VAL A 91 -19.89 -6.05 -14.72
N LEU A 92 -20.12 -4.86 -14.19
CA LEU A 92 -19.59 -3.63 -14.77
C LEU A 92 -18.58 -3.00 -13.82
N SER A 93 -17.42 -2.62 -14.36
CA SER A 93 -16.37 -2.04 -13.53
C SER A 93 -15.95 -0.67 -14.04
N GLY A 94 -15.95 0.31 -13.13
CA GLY A 94 -15.59 1.68 -13.49
C GLY A 94 -16.62 2.61 -12.87
N VAL A 95 -16.74 3.84 -13.36
CA VAL A 95 -15.94 4.36 -14.46
C VAL A 95 -14.62 4.83 -13.84
N ASN A 96 -13.52 4.15 -14.17
CA ASN A 96 -12.24 4.51 -13.60
C ASN A 96 -11.79 5.92 -13.93
N LEU A 97 -11.13 6.56 -12.97
CA LEU A 97 -10.60 7.91 -13.17
C LEU A 97 -9.19 7.70 -13.66
N GLY A 98 -9.04 7.54 -14.96
CA GLY A 98 -7.74 7.30 -15.54
C GLY A 98 -7.94 6.31 -16.67
N SER A 99 -7.05 6.34 -17.65
CA SER A 99 -7.17 5.45 -18.78
C SER A 99 -6.76 4.01 -18.47
N ASN A 100 -7.10 3.12 -19.39
CA ASN A 100 -6.75 1.71 -19.32
C ASN A 100 -6.67 1.30 -20.80
N LEU A 101 -5.63 1.85 -21.43
CA LEU A 101 -5.35 1.66 -22.85
C LEU A 101 -4.06 0.89 -23.09
N GLY A 102 -4.03 0.18 -24.20
CA GLY A 102 -2.86 -0.59 -24.59
C GLY A 102 -2.28 -1.51 -23.54
N HIS A 103 -0.99 -1.32 -23.26
CA HIS A 103 -0.27 -2.13 -22.29
C HIS A 103 -0.85 -1.98 -20.88
N GLU A 104 -1.53 -0.86 -20.61
CA GLU A 104 -2.11 -0.60 -19.30
C GLU A 104 -3.12 -1.68 -18.90
N ILE A 105 -3.83 -2.24 -19.87
CA ILE A 105 -4.84 -3.25 -19.60
C ILE A 105 -4.32 -4.40 -18.72
N TRP A 106 -3.05 -4.76 -18.90
CA TRP A 106 -2.43 -5.83 -18.12
C TRP A 106 -2.46 -5.66 -16.61
N HIS A 107 -2.18 -4.45 -16.14
CA HIS A 107 -2.12 -4.19 -14.71
C HIS A 107 -3.34 -3.46 -14.13
N SER A 108 -4.43 -3.40 -14.87
CA SER A 108 -5.62 -2.70 -14.41
C SER A 108 -6.49 -3.44 -13.40
N GLY A 109 -6.81 -2.75 -12.30
CA GLY A 109 -7.67 -3.32 -11.29
C GLY A 109 -9.10 -3.24 -11.79
N THR A 110 -9.39 -2.15 -12.50
CA THR A 110 -10.70 -1.92 -13.09
C THR A 110 -11.02 -3.07 -14.04
N VAL A 111 -10.03 -3.43 -14.87
CA VAL A 111 -10.21 -4.51 -15.83
C VAL A 111 -10.25 -5.88 -15.16
N ALA A 112 -9.49 -6.01 -14.07
CA ALA A 112 -9.43 -7.27 -13.33
C ALA A 112 -10.79 -7.68 -12.77
N ALA A 113 -11.56 -6.71 -12.27
CA ALA A 113 -12.88 -7.02 -11.71
C ALA A 113 -13.78 -7.55 -12.83
N ALA A 114 -13.72 -6.90 -13.99
CA ALA A 114 -14.50 -7.31 -15.15
C ALA A 114 -14.08 -8.72 -15.55
N LYS A 115 -12.77 -8.95 -15.67
CA LYS A 115 -12.25 -10.26 -16.03
C LYS A 115 -12.73 -11.30 -15.02
N GLN A 116 -12.75 -10.93 -13.75
CA GLN A 116 -13.21 -11.84 -12.72
C GLN A 116 -14.65 -12.27 -13.00
N GLY A 117 -15.49 -11.31 -13.39
CA GLY A 117 -16.87 -11.63 -13.69
C GLY A 117 -16.92 -12.62 -14.83
N TYR A 118 -16.08 -12.40 -15.83
CA TYR A 118 -16.04 -13.29 -16.99
C TYR A 118 -15.55 -14.67 -16.58
N LEU A 119 -14.61 -14.73 -15.66
CA LEU A 119 -14.10 -16.03 -15.19
C LEU A 119 -15.20 -16.83 -14.50
N PHE A 120 -16.21 -16.12 -13.97
CA PHE A 120 -17.32 -16.78 -13.30
C PHE A 120 -18.46 -17.14 -14.26
N GLY A 121 -18.28 -16.85 -15.55
CA GLY A 121 -19.30 -17.17 -16.53
C GLY A 121 -20.28 -16.07 -16.87
N LEU A 122 -20.03 -14.86 -16.37
CA LEU A 122 -20.92 -13.72 -16.64
C LEU A 122 -20.33 -12.82 -17.70
N SER A 123 -21.15 -11.92 -18.24
CA SER A 123 -20.67 -10.97 -19.23
C SER A 123 -20.13 -9.82 -18.40
N ALA A 124 -19.14 -9.12 -18.93
CA ALA A 124 -18.56 -8.01 -18.19
C ALA A 124 -17.86 -6.99 -19.05
N ALA A 125 -17.77 -5.77 -18.53
CA ALA A 125 -17.12 -4.67 -19.21
C ALA A 125 -16.46 -3.74 -18.19
N ALA A 126 -15.34 -3.15 -18.58
CA ALA A 126 -14.62 -2.21 -17.72
C ALA A 126 -14.74 -0.86 -18.39
N PHE A 127 -14.89 0.20 -17.60
CA PHE A 127 -15.03 1.55 -18.15
C PHE A 127 -14.02 2.48 -17.50
N SER A 128 -13.32 3.24 -18.34
CA SER A 128 -12.31 4.17 -17.86
C SER A 128 -12.34 5.45 -18.66
N VAL A 129 -11.80 6.52 -18.08
CA VAL A 129 -11.75 7.81 -18.75
C VAL A 129 -10.36 8.39 -18.62
N PRO A 130 -9.65 8.58 -19.75
CA PRO A 130 -8.29 9.15 -19.67
C PRO A 130 -8.42 10.57 -19.12
N LEU A 131 -7.51 10.92 -18.21
CA LEU A 131 -7.57 12.23 -17.57
C LEU A 131 -6.56 13.29 -18.00
N ASN A 132 -5.28 12.93 -17.97
CA ASN A 132 -4.22 13.86 -18.32
C ASN A 132 -4.30 15.05 -17.35
N GLY A 133 -4.21 14.75 -16.06
CA GLY A 133 -4.28 15.78 -15.03
C GLY A 133 -5.60 16.54 -15.01
N GLU A 134 -6.71 15.82 -15.21
CA GLU A 134 -8.03 16.44 -15.23
C GLU A 134 -9.11 15.48 -14.74
N VAL A 135 -10.32 15.99 -14.53
CA VAL A 135 -11.43 15.14 -14.09
C VAL A 135 -12.59 15.21 -15.06
N PRO A 136 -13.28 14.07 -15.25
CA PRO A 136 -14.42 14.02 -16.17
C PRO A 136 -15.73 14.60 -15.66
N ASP A 137 -16.55 15.02 -16.62
CA ASP A 137 -17.87 15.58 -16.36
C ASP A 137 -18.84 14.44 -16.64
N PHE A 138 -19.26 13.76 -15.59
CA PHE A 138 -20.15 12.63 -15.75
C PHE A 138 -21.57 12.96 -16.19
N ALA A 139 -21.88 14.25 -16.25
CA ALA A 139 -23.21 14.67 -16.69
C ALA A 139 -23.21 14.65 -18.21
N GLY A 140 -22.11 15.12 -18.79
CA GLY A 140 -21.98 15.15 -20.23
C GLY A 140 -21.67 13.77 -20.81
N LEU A 141 -20.98 12.93 -20.05
CA LEU A 141 -20.63 11.60 -20.52
C LEU A 141 -21.81 10.62 -20.47
N ARG A 142 -22.79 10.90 -19.63
CA ARG A 142 -23.96 10.02 -19.50
C ARG A 142 -24.54 9.56 -20.83
N PRO A 143 -24.78 10.51 -21.76
CA PRO A 143 -25.35 10.09 -23.04
C PRO A 143 -24.49 9.00 -23.67
N TRP A 144 -23.18 9.21 -23.67
CA TRP A 144 -22.27 8.23 -24.24
C TRP A 144 -22.21 6.93 -23.44
N LEU A 145 -22.39 7.03 -22.13
CA LEU A 145 -22.38 5.83 -21.29
C LEU A 145 -23.57 4.96 -21.64
N LEU A 146 -24.73 5.59 -21.80
CA LEU A 146 -25.94 4.86 -22.13
C LEU A 146 -25.78 4.24 -23.52
N ARG A 147 -25.31 5.05 -24.47
CA ARG A 147 -25.10 4.61 -25.83
C ARG A 147 -24.24 3.35 -25.84
N THR A 148 -23.11 3.41 -25.13
CA THR A 148 -22.19 2.27 -25.05
C THR A 148 -22.83 1.05 -24.39
N LEU A 149 -23.62 1.28 -23.35
CA LEU A 149 -24.27 0.18 -22.67
C LEU A 149 -25.30 -0.53 -23.56
N GLU A 150 -26.06 0.23 -24.34
CA GLU A 150 -27.05 -0.35 -25.23
C GLU A 150 -26.33 -1.24 -26.23
N THR A 151 -25.21 -0.75 -26.74
CA THR A 151 -24.41 -1.50 -27.70
C THR A 151 -23.94 -2.81 -27.09
N LEU A 152 -23.22 -2.72 -25.98
CA LEU A 152 -22.71 -3.90 -25.31
C LEU A 152 -23.77 -4.95 -25.08
N LEU A 153 -24.97 -4.52 -24.68
CA LEU A 153 -26.04 -5.47 -24.40
C LEU A 153 -26.60 -6.18 -25.63
N ARG A 154 -26.19 -5.76 -26.82
CA ARG A 154 -26.64 -6.40 -28.06
C ARG A 154 -25.74 -7.59 -28.35
N LEU A 155 -24.48 -7.48 -27.95
CA LEU A 155 -23.51 -8.54 -28.17
C LEU A 155 -23.99 -9.92 -27.73
N GLU A 156 -23.52 -10.96 -28.41
CA GLU A 156 -23.88 -12.31 -28.02
C GLU A 156 -23.13 -12.54 -26.72
N ARG A 157 -23.82 -13.06 -25.72
CA ARG A 157 -23.20 -13.27 -24.42
C ARG A 157 -22.65 -14.69 -24.28
N PRO A 158 -21.66 -14.87 -23.40
CA PRO A 158 -21.08 -13.82 -22.56
C PRO A 158 -20.02 -13.03 -23.32
N PHE A 159 -19.66 -11.86 -22.78
CA PHE A 159 -18.65 -11.03 -23.41
C PHE A 159 -17.74 -10.38 -22.36
N LEU A 160 -16.65 -9.78 -22.82
CA LEU A 160 -15.69 -9.09 -21.96
C LEU A 160 -15.12 -7.96 -22.80
N VAL A 161 -15.54 -6.74 -22.51
CA VAL A 161 -15.12 -5.60 -23.30
C VAL A 161 -14.44 -4.51 -22.46
N ASN A 162 -13.36 -3.93 -22.99
CA ASN A 162 -12.65 -2.86 -22.29
C ASN A 162 -13.01 -1.55 -22.97
N VAL A 163 -13.64 -0.67 -22.21
CA VAL A 163 -14.08 0.61 -22.73
C VAL A 163 -13.36 1.84 -22.17
N ASN A 164 -12.94 2.73 -23.06
CA ASN A 164 -12.31 3.99 -22.67
C ASN A 164 -13.10 5.11 -23.35
N LEU A 165 -13.58 6.06 -22.55
CA LEU A 165 -14.34 7.17 -23.10
C LEU A 165 -13.55 8.46 -22.95
N PRO A 166 -13.29 9.17 -24.06
CA PRO A 166 -12.54 10.41 -23.96
C PRO A 166 -13.43 11.40 -23.20
N LEU A 167 -12.83 12.46 -22.64
CA LEU A 167 -13.62 13.43 -21.89
C LEU A 167 -14.86 13.88 -22.65
N ARG A 168 -14.68 14.30 -23.90
CA ARG A 168 -15.79 14.75 -24.72
C ARG A 168 -15.91 13.91 -25.98
N PRO A 169 -16.57 12.75 -25.87
CA PRO A 169 -16.77 11.80 -26.99
C PRO A 169 -17.45 12.45 -28.20
N LYS A 170 -17.15 11.93 -29.38
CA LYS A 170 -17.75 12.44 -30.61
C LYS A 170 -18.16 11.27 -31.51
N GLY A 171 -18.01 10.06 -30.98
CA GLY A 171 -18.35 8.87 -31.72
C GLY A 171 -17.95 7.63 -30.96
N PHE A 172 -18.22 6.47 -31.55
CA PHE A 172 -17.91 5.20 -30.92
C PHE A 172 -17.18 4.32 -31.93
N LEU A 173 -16.26 3.50 -31.44
CA LEU A 173 -15.49 2.60 -32.30
C LEU A 173 -15.07 1.31 -31.62
N TRP A 174 -15.25 0.19 -32.31
CA TRP A 174 -14.79 -1.08 -31.78
C TRP A 174 -13.31 -1.03 -32.16
N THR A 175 -12.45 -1.30 -31.20
CA THR A 175 -11.01 -1.21 -31.45
C THR A 175 -10.24 -2.41 -30.96
N ARG A 176 -8.99 -2.52 -31.40
CA ARG A 176 -8.14 -3.61 -30.95
C ARG A 176 -7.18 -2.95 -29.96
N GLN A 177 -6.50 -3.77 -29.16
CA GLN A 177 -5.57 -3.24 -28.17
C GLN A 177 -4.31 -2.69 -28.80
N SER A 178 -3.93 -1.47 -28.44
CA SER A 178 -2.70 -0.90 -28.96
C SER A 178 -1.55 -1.68 -28.34
N VAL A 179 -0.68 -2.22 -29.18
CA VAL A 179 0.47 -3.00 -28.71
C VAL A 179 1.73 -2.44 -29.34
N ARG A 180 2.45 -1.61 -28.60
CA ARG A 180 3.66 -1.02 -29.15
C ARG A 180 4.95 -1.42 -28.45
N ALA A 181 6.03 -1.40 -29.22
CA ALA A 181 7.36 -1.70 -28.71
C ALA A 181 7.80 -0.43 -28.01
N TYR A 182 8.67 -0.55 -27.02
CA TYR A 182 9.14 0.61 -26.29
C TYR A 182 10.65 0.70 -26.26
N GLU A 183 11.14 1.91 -26.06
CA GLU A 183 12.58 2.13 -25.97
C GLU A 183 12.87 2.53 -24.53
N GLY A 184 13.89 1.91 -23.95
CA GLY A 184 14.25 2.21 -22.58
C GLY A 184 14.89 3.58 -22.42
N VAL A 185 14.35 4.37 -21.52
CA VAL A 185 14.88 5.70 -21.27
C VAL A 185 14.98 5.92 -19.77
N VAL A 186 16.21 5.98 -19.28
CA VAL A 186 16.49 6.19 -17.87
C VAL A 186 17.35 7.43 -17.67
N ILE A 187 16.80 8.44 -16.99
CA ILE A 187 17.51 9.69 -16.74
C ILE A 187 17.95 9.79 -15.28
N PRO A 188 19.26 9.76 -15.03
CA PRO A 188 19.73 9.87 -13.65
C PRO A 188 19.42 11.23 -13.05
N GLY A 189 19.37 11.30 -11.73
CA GLY A 189 19.11 12.56 -11.07
C GLY A 189 19.40 12.47 -9.58
N GLU A 190 19.28 13.60 -8.91
CA GLU A 190 19.50 13.64 -7.47
C GLU A 190 18.44 14.53 -6.87
N ASP A 191 18.09 14.24 -5.62
CA ASP A 191 17.08 15.00 -4.91
C ASP A 191 17.72 16.22 -4.23
N PRO A 192 16.92 17.07 -3.58
CA PRO A 192 17.44 18.25 -2.89
C PRO A 192 18.35 17.93 -1.70
N MET A 193 18.95 16.74 -1.71
CA MET A 193 19.86 16.33 -0.65
C MET A 193 21.09 15.69 -1.26
N GLY A 194 21.19 15.74 -2.59
CA GLY A 194 22.33 15.17 -3.29
C GLY A 194 22.19 13.67 -3.55
N ARG A 195 21.24 13.03 -2.88
CA ARG A 195 21.02 11.59 -3.06
C ARG A 195 20.58 11.30 -4.49
N PRO A 196 21.24 10.30 -5.12
CA PRO A 196 20.93 9.90 -6.50
C PRO A 196 19.68 9.04 -6.66
N PHE A 197 19.04 9.16 -7.82
CA PHE A 197 17.85 8.38 -8.16
C PHE A 197 17.77 8.31 -9.68
N TYR A 198 16.84 7.52 -10.20
CA TYR A 198 16.69 7.40 -11.65
C TYR A 198 15.26 7.64 -12.13
N TRP A 199 15.10 8.45 -13.17
CA TRP A 199 13.79 8.71 -13.74
C TRP A 199 13.60 7.70 -14.86
N PHE A 200 12.46 7.03 -14.88
CA PHE A 200 12.17 6.07 -15.93
C PHE A 200 11.18 6.77 -16.84
N ALA A 201 11.53 6.88 -18.11
CA ALA A 201 10.67 7.54 -19.08
C ALA A 201 10.68 6.77 -20.40
N PRO A 202 10.28 5.49 -20.35
CA PRO A 202 10.26 4.68 -21.58
C PRO A 202 9.25 5.30 -22.54
N ARG A 203 9.56 5.24 -23.83
CA ARG A 203 8.67 5.80 -24.83
C ARG A 203 8.40 4.83 -25.96
N PRO A 204 7.18 4.84 -26.50
CA PRO A 204 6.81 3.94 -27.60
C PRO A 204 7.64 4.29 -28.84
N LEU A 205 7.96 3.28 -29.65
CA LEU A 205 8.76 3.51 -30.84
C LEU A 205 8.00 4.18 -31.99
N LYS A 206 6.68 4.18 -31.93
CA LYS A 206 5.89 4.83 -32.97
C LYS A 206 4.54 5.30 -32.43
N GLU A 207 3.81 6.04 -33.24
CA GLU A 207 2.51 6.55 -32.83
C GLU A 207 1.48 5.43 -32.83
N ALA A 208 0.45 5.58 -32.01
CA ALA A 208 -0.60 4.58 -31.94
C ALA A 208 -1.20 4.44 -33.34
N GLU A 209 -1.40 3.20 -33.77
CA GLU A 209 -1.95 2.95 -35.10
C GLU A 209 -3.46 3.08 -35.14
N GLU A 210 -3.98 3.37 -36.34
CA GLU A 210 -5.41 3.49 -36.53
C GLU A 210 -6.10 2.19 -36.18
N GLY A 211 -7.25 2.28 -35.54
CA GLY A 211 -7.98 1.09 -35.17
C GLY A 211 -7.65 0.59 -33.77
N THR A 212 -6.68 1.21 -33.12
CA THR A 212 -6.32 0.79 -31.77
C THR A 212 -7.08 1.64 -30.77
N ASP A 213 -7.26 1.13 -29.57
CA ASP A 213 -7.96 1.85 -28.51
C ASP A 213 -7.34 3.23 -28.28
N ARG A 214 -6.02 3.26 -28.19
CA ARG A 214 -5.28 4.49 -27.96
C ARG A 214 -5.50 5.50 -29.07
N TRP A 215 -5.54 5.03 -30.31
CA TRP A 215 -5.75 5.92 -31.45
C TRP A 215 -7.18 6.49 -31.44
N ALA A 216 -8.14 5.62 -31.21
CA ALA A 216 -9.55 6.04 -31.19
C ALA A 216 -9.84 7.11 -30.15
N VAL A 217 -9.38 6.91 -28.91
CA VAL A 217 -9.65 7.90 -27.87
C VAL A 217 -8.97 9.21 -28.22
N ALA A 218 -7.78 9.11 -28.80
CA ALA A 218 -7.05 10.30 -29.20
C ALA A 218 -7.87 11.05 -30.25
N GLN A 219 -8.63 10.31 -31.04
CA GLN A 219 -9.46 10.90 -32.08
C GLN A 219 -10.79 11.37 -31.52
N GLY A 220 -10.99 11.17 -30.22
CA GLY A 220 -12.22 11.60 -29.58
C GLY A 220 -13.37 10.59 -29.61
N PHE A 221 -13.07 9.35 -29.95
CA PHE A 221 -14.08 8.30 -30.02
C PHE A 221 -14.09 7.40 -28.79
N VAL A 222 -15.25 6.90 -28.42
CA VAL A 222 -15.36 5.97 -27.31
C VAL A 222 -14.74 4.68 -27.85
N SER A 223 -13.78 4.12 -27.13
CA SER A 223 -13.11 2.89 -27.55
C SER A 223 -13.65 1.65 -26.84
N ALA A 224 -13.97 0.63 -27.62
CA ALA A 224 -14.47 -0.62 -27.06
C ALA A 224 -13.62 -1.76 -27.63
N THR A 225 -12.82 -2.39 -26.77
CA THR A 225 -11.96 -3.48 -27.19
C THR A 225 -12.38 -4.82 -26.58
N PRO A 226 -12.73 -5.79 -27.43
CA PRO A 226 -13.14 -7.11 -26.94
C PRO A 226 -11.87 -7.80 -26.48
N LEU A 227 -11.86 -8.34 -25.26
CA LEU A 227 -10.67 -8.98 -24.72
C LEU A 227 -10.76 -10.50 -24.64
N ARG A 228 -9.60 -11.14 -24.70
CA ARG A 228 -9.53 -12.59 -24.60
C ARG A 228 -8.87 -12.93 -23.25
N LEU A 229 -9.10 -14.13 -22.76
CA LEU A 229 -8.53 -14.57 -21.48
C LEU A 229 -7.25 -15.37 -21.69
N ASP A 230 -7.14 -15.97 -22.86
CA ASP A 230 -5.98 -16.80 -23.18
C ASP A 230 -4.78 -15.96 -23.61
N LEU A 231 -3.68 -16.13 -22.90
CA LEU A 231 -2.44 -15.41 -23.17
C LEU A 231 -1.49 -16.25 -24.02
N THR A 232 -1.92 -17.46 -24.37
CA THR A 232 -1.11 -18.36 -25.17
C THR A 232 -0.81 -17.82 -26.57
N ASP A 233 0.46 -17.89 -26.98
CA ASP A 233 0.82 -17.48 -28.33
C ASP A 233 0.67 -18.76 -29.13
N GLU A 234 -0.52 -18.91 -29.72
CA GLU A 234 -0.89 -20.09 -30.48
C GLU A 234 -0.07 -20.42 -31.74
N THR A 235 0.86 -19.56 -32.11
CA THR A 235 1.67 -19.83 -33.30
C THR A 235 3.00 -20.49 -32.95
N ARG A 236 3.26 -20.66 -31.66
CA ARG A 236 4.53 -21.24 -31.25
C ARG A 236 4.42 -22.42 -30.28
N LEU A 237 3.39 -23.24 -30.43
CA LEU A 237 3.18 -24.40 -29.57
C LEU A 237 4.01 -25.62 -29.98
N GLN A 238 4.52 -25.61 -31.21
CA GLN A 238 5.37 -26.67 -31.73
C GLN A 238 6.52 -25.95 -32.43
N PRO A 239 7.31 -25.18 -31.68
CA PRO A 239 8.44 -24.39 -32.16
C PRO A 239 9.56 -25.14 -32.87
N THR A 240 10.07 -24.52 -33.93
CA THR A 240 11.19 -25.09 -34.67
C THR A 240 12.43 -24.66 -33.88
N LEU A 241 13.20 -25.63 -33.42
CA LEU A 241 14.41 -25.34 -32.65
C LEU A 241 15.63 -25.44 -33.56
N ALA A 242 16.61 -24.59 -33.30
CA ALA A 242 17.84 -24.59 -34.09
C ALA A 242 18.65 -25.85 -33.79
N MET B 1 26.80 -12.99 -25.08
CA MET B 1 25.41 -12.77 -24.56
C MET B 1 25.41 -12.22 -23.13
N ARG B 2 24.72 -11.11 -22.95
CA ARG B 2 24.60 -10.47 -21.65
C ARG B 2 23.16 -10.69 -21.17
N ILE B 3 23.04 -11.25 -19.98
CA ILE B 3 21.74 -11.60 -19.40
C ILE B 3 21.37 -10.88 -18.12
N LEU B 4 20.17 -10.32 -18.11
CA LEU B 4 19.68 -9.62 -16.93
C LEU B 4 18.76 -10.57 -16.19
N VAL B 5 19.05 -10.83 -14.92
CA VAL B 5 18.22 -11.71 -14.13
C VAL B 5 17.54 -10.89 -13.04
N THR B 6 16.24 -11.09 -12.90
CA THR B 6 15.44 -10.39 -11.91
C THR B 6 14.38 -11.36 -11.41
N ASN B 7 13.48 -10.88 -10.57
CA ASN B 7 12.41 -11.72 -10.03
C ASN B 7 11.42 -10.80 -9.34
N ASP B 8 10.55 -11.36 -8.51
CA ASP B 8 9.63 -10.52 -7.79
C ASP B 8 9.51 -10.96 -6.33
N ASP B 9 10.36 -11.89 -5.93
CA ASP B 9 10.38 -12.34 -4.55
C ASP B 9 11.37 -11.48 -3.77
N GLY B 10 12.23 -10.78 -4.49
CA GLY B 10 13.20 -9.95 -3.82
C GLY B 10 14.62 -10.41 -4.02
N ILE B 11 15.56 -9.56 -3.61
CA ILE B 11 16.98 -9.81 -3.75
C ILE B 11 17.49 -10.94 -2.84
N TYR B 12 16.69 -11.35 -1.86
CA TYR B 12 17.12 -12.41 -0.95
C TYR B 12 16.49 -13.76 -1.23
N SER B 13 15.84 -13.92 -2.38
CA SER B 13 15.23 -15.20 -2.70
C SER B 13 16.25 -16.18 -3.25
N PRO B 14 16.27 -17.41 -2.75
CA PRO B 14 17.22 -18.40 -3.25
C PRO B 14 16.92 -18.76 -4.70
N GLY B 15 15.69 -18.49 -5.12
CA GLY B 15 15.32 -18.78 -6.49
C GLY B 15 16.03 -17.85 -7.46
N LEU B 16 16.13 -16.59 -7.07
CA LEU B 16 16.80 -15.59 -7.89
C LEU B 16 18.24 -15.99 -8.21
N TRP B 17 19.00 -16.34 -7.17
CA TRP B 17 20.40 -16.72 -7.36
C TRP B 17 20.58 -18.06 -8.05
N ALA B 18 19.59 -18.94 -7.91
CA ALA B 18 19.67 -20.23 -8.59
C ALA B 18 19.48 -19.96 -10.08
N LEU B 19 18.60 -19.01 -10.41
CA LEU B 19 18.37 -18.67 -11.80
C LEU B 19 19.62 -17.96 -12.35
N ALA B 20 20.20 -17.08 -11.54
CA ALA B 20 21.40 -16.34 -11.94
C ALA B 20 22.56 -17.30 -12.24
N GLU B 21 22.78 -18.26 -11.34
CA GLU B 21 23.85 -19.23 -11.51
C GLU B 21 23.64 -20.11 -12.76
N ALA B 22 22.40 -20.50 -13.02
CA ALA B 22 22.09 -21.32 -14.19
C ALA B 22 22.34 -20.55 -15.48
N ALA B 23 21.88 -19.30 -15.49
CA ALA B 23 22.06 -18.46 -16.68
C ALA B 23 23.53 -18.15 -16.93
N SER B 24 24.34 -18.10 -15.87
CA SER B 24 25.75 -17.80 -16.03
C SER B 24 26.44 -18.80 -16.96
N GLN B 25 25.87 -19.99 -17.10
CA GLN B 25 26.45 -21.00 -17.98
C GLN B 25 26.20 -20.65 -19.44
N PHE B 26 25.44 -19.60 -19.70
CA PHE B 26 25.14 -19.23 -21.08
C PHE B 26 25.56 -17.83 -21.47
N GLY B 27 26.06 -17.07 -20.50
CA GLY B 27 26.49 -15.70 -20.79
C GLY B 27 26.83 -14.95 -19.52
N GLU B 28 27.11 -13.65 -19.67
CA GLU B 28 27.44 -12.82 -18.51
C GLU B 28 26.14 -12.43 -17.81
N VAL B 29 26.04 -12.75 -16.53
CA VAL B 29 24.83 -12.46 -15.75
C VAL B 29 24.91 -11.22 -14.84
N PHE B 30 23.87 -10.40 -14.91
CA PHE B 30 23.75 -9.20 -14.08
C PHE B 30 22.38 -9.23 -13.39
N VAL B 31 22.34 -8.83 -12.12
CA VAL B 31 21.11 -8.87 -11.36
C VAL B 31 20.56 -7.54 -10.87
N ALA B 32 19.23 -7.41 -10.97
CA ALA B 32 18.51 -6.22 -10.52
C ALA B 32 17.17 -6.75 -10.01
N ALA B 33 17.07 -6.98 -8.71
CA ALA B 33 15.86 -7.50 -8.12
C ALA B 33 15.18 -6.47 -7.24
N PRO B 34 13.84 -6.51 -7.18
CA PRO B 34 13.10 -5.55 -6.38
C PRO B 34 13.45 -5.64 -4.90
N ASP B 35 13.25 -4.52 -4.20
CA ASP B 35 13.52 -4.44 -2.78
C ASP B 35 12.22 -4.68 -2.04
N THR B 36 12.05 -5.89 -1.56
CA THR B 36 10.83 -6.23 -0.83
C THR B 36 11.12 -6.18 0.67
N HIS B 43 1.84 -3.46 -11.47
CA HIS B 43 3.29 -3.16 -11.28
C HIS B 43 4.05 -3.01 -12.60
N ALA B 44 3.80 -1.91 -13.30
CA ALA B 44 4.47 -1.61 -14.56
C ALA B 44 5.64 -0.69 -14.22
N ILE B 45 6.23 -0.05 -15.23
CA ILE B 45 7.35 0.85 -14.98
C ILE B 45 6.91 2.15 -14.30
N THR B 46 7.58 2.48 -13.20
CA THR B 46 7.30 3.69 -12.44
C THR B 46 7.73 4.93 -13.21
N ILE B 47 6.77 5.78 -13.55
CA ILE B 47 7.06 7.00 -14.29
C ILE B 47 6.69 8.24 -13.50
N ALA B 48 5.69 8.10 -12.63
CA ALA B 48 5.18 9.18 -11.80
C ALA B 48 6.28 9.87 -10.99
N HIS B 49 7.24 9.07 -10.53
CA HIS B 49 8.36 9.61 -9.76
C HIS B 49 9.63 8.80 -10.04
N PRO B 50 10.77 9.23 -9.49
CA PRO B 50 12.02 8.51 -9.72
C PRO B 50 12.16 7.25 -8.87
N VAL B 51 13.17 6.45 -9.18
CA VAL B 51 13.40 5.21 -8.47
C VAL B 51 14.81 5.14 -7.85
N ARG B 52 14.87 4.66 -6.61
CA ARG B 52 16.14 4.51 -5.92
C ARG B 52 16.60 3.08 -6.19
N ALA B 53 17.92 2.88 -6.25
CA ALA B 53 18.51 1.58 -6.48
C ALA B 53 19.89 1.58 -5.85
N TYR B 54 20.31 0.46 -5.28
CA TYR B 54 21.61 0.40 -4.64
C TYR B 54 22.37 -0.88 -4.89
N PRO B 55 23.71 -0.78 -4.97
CA PRO B 55 24.52 -1.96 -5.21
C PRO B 55 24.25 -2.94 -4.09
N HIS B 56 24.23 -4.23 -4.42
CA HIS B 56 23.96 -5.27 -3.44
C HIS B 56 24.89 -6.46 -3.67
N PRO B 57 25.43 -7.04 -2.59
CA PRO B 57 26.32 -8.19 -2.76
C PRO B 57 25.56 -9.47 -3.05
N SER B 58 26.14 -10.33 -3.90
CA SER B 58 25.51 -11.60 -4.19
C SER B 58 25.78 -12.47 -2.97
N PRO B 59 24.87 -13.38 -2.64
CA PRO B 59 25.04 -14.26 -1.47
C PRO B 59 26.37 -15.03 -1.41
N LEU B 60 26.84 -15.25 -0.18
CA LEU B 60 28.10 -15.94 0.09
C LEU B 60 28.09 -17.38 -0.41
N PRO B 63 29.03 -18.03 -6.56
CA PRO B 63 29.45 -17.20 -7.72
C PRO B 63 29.03 -15.75 -7.48
N HIS B 64 29.87 -14.82 -7.91
CA HIS B 64 29.55 -13.42 -7.72
C HIS B 64 28.94 -12.77 -8.96
N PHE B 65 27.91 -11.96 -8.73
CA PHE B 65 27.22 -11.28 -9.81
C PHE B 65 27.03 -9.81 -9.48
N PRO B 66 27.26 -8.93 -10.46
CA PRO B 66 27.04 -7.51 -10.16
C PRO B 66 25.55 -7.46 -9.84
N ALA B 67 25.16 -6.78 -8.77
CA ALA B 67 23.75 -6.75 -8.43
C ALA B 67 23.27 -5.44 -7.79
N TYR B 68 21.99 -5.14 -8.03
CA TYR B 68 21.36 -3.95 -7.49
C TYR B 68 20.02 -4.33 -6.86
N ARG B 69 19.71 -3.66 -5.78
CA ARG B 69 18.47 -3.86 -5.06
C ARG B 69 17.66 -2.64 -5.50
N VAL B 70 16.52 -2.88 -6.14
CA VAL B 70 15.71 -1.78 -6.65
C VAL B 70 14.42 -1.55 -5.87
N ARG B 71 14.21 -0.32 -5.41
CA ARG B 71 13.01 0.02 -4.66
C ARG B 71 11.91 0.37 -5.66
N GLY B 72 11.48 -0.64 -6.40
CA GLY B 72 10.44 -0.46 -7.41
C GLY B 72 9.88 -1.79 -7.85
N THR B 73 9.11 -1.77 -8.92
CA THR B 73 8.48 -2.98 -9.44
C THR B 73 9.47 -3.84 -10.22
N PRO B 74 9.09 -5.09 -10.53
CA PRO B 74 9.99 -5.97 -11.28
C PRO B 74 10.27 -5.37 -12.66
N ALA B 75 9.32 -4.60 -13.16
CA ALA B 75 9.44 -3.95 -14.47
C ALA B 75 10.47 -2.83 -14.37
N ASP B 76 10.50 -2.16 -13.22
CA ASP B 76 11.47 -1.10 -13.00
C ASP B 76 12.87 -1.72 -13.03
N CYS B 77 12.99 -2.92 -12.48
CA CYS B 77 14.27 -3.61 -12.44
C CYS B 77 14.82 -3.86 -13.84
N VAL B 78 13.93 -4.20 -14.77
CA VAL B 78 14.33 -4.44 -16.14
C VAL B 78 14.76 -3.14 -16.81
N ALA B 79 14.01 -2.08 -16.56
CA ALA B 79 14.34 -0.79 -17.16
C ALA B 79 15.63 -0.25 -16.57
N LEU B 80 15.80 -0.45 -15.27
CA LEU B 80 16.99 0.02 -14.58
C LEU B 80 18.19 -0.81 -15.01
N GLY B 81 17.97 -2.12 -15.12
CA GLY B 81 19.03 -3.03 -15.52
C GLY B 81 19.56 -2.74 -16.91
N LEU B 82 18.68 -2.38 -17.84
CA LEU B 82 19.13 -2.08 -19.19
C LEU B 82 20.07 -0.88 -19.14
N HIS B 83 19.78 0.04 -18.24
CA HIS B 83 20.59 1.24 -18.06
C HIS B 83 21.92 0.94 -17.37
N LEU B 84 21.83 0.23 -16.25
CA LEU B 84 23.01 -0.13 -15.47
C LEU B 84 23.95 -1.14 -16.12
N PHE B 85 23.39 -2.13 -16.82
CA PHE B 85 24.20 -3.19 -17.43
C PHE B 85 24.10 -3.28 -18.94
N GLY B 86 23.45 -2.31 -19.58
CA GLY B 86 23.31 -2.36 -21.03
C GLY B 86 24.64 -2.52 -21.73
N PRO B 87 24.68 -3.17 -22.91
CA PRO B 87 23.53 -3.74 -23.61
C PRO B 87 23.19 -5.13 -23.09
N VAL B 88 21.89 -5.44 -23.05
CA VAL B 88 21.40 -6.72 -22.57
C VAL B 88 20.75 -7.47 -23.74
N ASP B 89 20.87 -8.78 -23.76
CA ASP B 89 20.28 -9.59 -24.83
C ASP B 89 19.05 -10.37 -24.37
N LEU B 90 19.13 -10.87 -23.14
CA LEU B 90 18.08 -11.69 -22.59
C LEU B 90 17.66 -11.29 -21.19
N VAL B 91 16.36 -11.32 -20.95
CA VAL B 91 15.81 -11.00 -19.63
C VAL B 91 15.15 -12.26 -19.07
N LEU B 92 15.62 -12.69 -17.90
CA LEU B 92 15.09 -13.87 -17.24
C LEU B 92 14.54 -13.46 -15.89
N SER B 93 13.33 -13.90 -15.56
CA SER B 93 12.70 -13.55 -14.30
C SER B 93 12.37 -14.79 -13.48
N GLY B 94 12.75 -14.77 -12.20
CA GLY B 94 12.52 -15.90 -11.31
C GLY B 94 13.80 -16.26 -10.57
N VAL B 95 13.92 -17.49 -10.07
CA VAL B 95 12.88 -18.52 -10.15
C VAL B 95 11.88 -18.21 -9.04
N ASN B 96 10.67 -17.84 -9.42
CA ASN B 96 9.63 -17.49 -8.44
C ASN B 96 9.28 -18.64 -7.49
N LEU B 97 9.05 -18.32 -6.24
CA LEU B 97 8.68 -19.31 -5.24
C LEU B 97 7.15 -19.27 -5.21
N GLY B 98 6.55 -20.15 -6.00
CA GLY B 98 5.10 -20.20 -6.12
C GLY B 98 4.80 -20.31 -7.61
N SER B 99 3.68 -20.93 -7.94
CA SER B 99 3.32 -21.13 -9.34
C SER B 99 2.85 -19.86 -10.02
N ASN B 100 2.81 -19.94 -11.35
CA ASN B 100 2.29 -18.87 -12.20
C ASN B 100 1.68 -19.61 -13.38
N LEU B 101 0.63 -20.38 -13.07
CA LEU B 101 -0.09 -21.19 -14.04
C LEU B 101 -1.49 -20.67 -14.38
N GLY B 102 -1.90 -20.90 -15.62
CA GLY B 102 -3.20 -20.48 -16.09
C GLY B 102 -3.59 -19.03 -15.90
N HIS B 103 -4.68 -18.80 -15.16
CA HIS B 103 -5.20 -17.45 -14.90
C HIS B 103 -4.23 -16.59 -14.09
N GLU B 104 -3.34 -17.22 -13.34
CA GLU B 104 -2.37 -16.50 -12.50
C GLU B 104 -1.42 -15.63 -13.32
N ILE B 105 -1.12 -16.08 -14.54
CA ILE B 105 -0.20 -15.37 -15.42
C ILE B 105 -0.49 -13.88 -15.58
N TRP B 106 -1.78 -13.57 -15.72
CA TRP B 106 -2.22 -12.19 -15.92
C TRP B 106 -1.69 -11.19 -14.90
N HIS B 107 -1.80 -11.51 -13.61
CA HIS B 107 -1.34 -10.62 -12.56
C HIS B 107 -0.02 -11.05 -11.91
N SER B 108 0.89 -11.63 -12.69
CA SER B 108 2.16 -12.08 -12.15
C SER B 108 3.28 -11.03 -12.30
N GLY B 109 3.94 -10.71 -11.19
CA GLY B 109 5.04 -9.76 -11.23
C GLY B 109 6.21 -10.38 -11.97
N THR B 110 6.42 -11.68 -11.74
CA THR B 110 7.51 -12.42 -12.37
C THR B 110 7.40 -12.35 -13.89
N VAL B 111 6.20 -12.61 -14.38
CA VAL B 111 5.95 -12.58 -15.82
C VAL B 111 6.05 -11.14 -16.31
N ALA B 112 5.53 -10.19 -15.53
CA ALA B 112 5.56 -8.79 -15.91
C ALA B 112 7.00 -8.35 -16.27
N ALA B 113 7.98 -8.75 -15.45
CA ALA B 113 9.36 -8.39 -15.72
C ALA B 113 9.76 -8.88 -17.12
N ALA B 114 9.50 -10.16 -17.39
CA ALA B 114 9.83 -10.74 -18.68
C ALA B 114 9.12 -10.00 -19.82
N LYS B 115 7.85 -9.71 -19.63
CA LYS B 115 7.05 -8.98 -20.63
C LYS B 115 7.69 -7.62 -20.90
N GLN B 116 8.09 -6.95 -19.82
CA GLN B 116 8.73 -5.65 -19.94
C GLN B 116 9.98 -5.78 -20.81
N GLY B 117 10.74 -6.86 -20.60
CA GLY B 117 11.94 -7.08 -21.38
C GLY B 117 11.59 -7.27 -22.84
N TYR B 118 10.53 -8.01 -23.09
CA TYR B 118 10.08 -8.27 -24.45
C TYR B 118 9.61 -6.97 -25.10
N LEU B 119 8.98 -6.09 -24.32
CA LEU B 119 8.51 -4.82 -24.84
C LEU B 119 9.68 -3.91 -25.25
N PHE B 120 10.85 -4.16 -24.65
CA PHE B 120 12.04 -3.39 -24.96
C PHE B 120 12.78 -4.02 -26.13
N GLY B 121 12.15 -5.03 -26.74
CA GLY B 121 12.76 -5.69 -27.89
C GLY B 121 13.71 -6.84 -27.62
N LEU B 122 13.70 -7.37 -26.38
CA LEU B 122 14.59 -8.49 -26.06
C LEU B 122 13.82 -9.80 -25.94
N SER B 123 14.55 -10.90 -25.77
CA SER B 123 13.92 -12.20 -25.58
C SER B 123 13.78 -12.29 -24.08
N ALA B 124 12.74 -12.95 -23.61
CA ALA B 124 12.52 -13.07 -22.17
C ALA B 124 11.77 -14.34 -21.76
N ALA B 125 11.95 -14.71 -20.50
CA ALA B 125 11.30 -15.88 -19.95
C ALA B 125 11.15 -15.74 -18.44
N ALA B 126 10.04 -16.26 -17.94
CA ALA B 126 9.76 -16.24 -16.53
C ALA B 126 9.88 -17.67 -16.07
N PHE B 127 10.24 -17.84 -14.80
CA PHE B 127 10.40 -19.17 -14.22
C PHE B 127 9.76 -19.19 -12.85
N SER B 128 9.05 -20.27 -12.56
CA SER B 128 8.39 -20.43 -11.27
C SER B 128 8.36 -21.90 -10.88
N VAL B 129 8.24 -22.15 -9.58
CA VAL B 129 8.13 -23.51 -9.07
C VAL B 129 6.98 -23.54 -8.08
N PRO B 130 5.96 -24.37 -8.34
CA PRO B 130 4.79 -24.48 -7.46
C PRO B 130 5.27 -24.98 -6.10
N LEU B 131 4.70 -24.44 -5.02
CA LEU B 131 5.12 -24.82 -3.67
C LEU B 131 4.14 -25.58 -2.78
N ASN B 132 4.04 -25.10 -1.54
CA ASN B 132 3.20 -25.67 -0.50
C ASN B 132 3.62 -27.07 -0.06
N GLY B 133 4.16 -27.15 1.16
CA GLY B 133 4.62 -28.41 1.70
C GLY B 133 6.13 -28.56 1.63
N GLU B 134 6.63 -28.88 0.44
CA GLU B 134 8.06 -29.07 0.25
C GLU B 134 8.72 -27.81 -0.32
N VAL B 135 9.93 -27.51 0.15
CA VAL B 135 10.68 -26.34 -0.32
C VAL B 135 11.53 -26.77 -1.52
N PRO B 136 11.63 -25.91 -2.55
CA PRO B 136 12.44 -26.28 -3.71
C PRO B 136 13.91 -26.49 -3.41
N ASP B 137 14.48 -27.52 -4.04
CA ASP B 137 15.90 -27.85 -3.89
C ASP B 137 16.53 -27.51 -5.21
N PHE B 138 17.05 -26.28 -5.31
CA PHE B 138 17.66 -25.80 -6.54
C PHE B 138 18.88 -26.56 -7.00
N ALA B 139 19.48 -27.35 -6.11
CA ALA B 139 20.64 -28.15 -6.50
C ALA B 139 20.10 -29.27 -7.38
N GLY B 140 18.92 -29.77 -7.00
CA GLY B 140 18.30 -30.84 -7.76
C GLY B 140 17.71 -30.33 -9.05
N LEU B 141 17.22 -29.10 -9.03
CA LEU B 141 16.62 -28.49 -10.21
C LEU B 141 17.61 -27.96 -11.23
N ARG B 142 18.84 -27.68 -10.80
CA ARG B 142 19.85 -27.15 -11.72
C ARG B 142 19.91 -27.85 -13.08
N PRO B 143 19.85 -29.19 -13.09
CA PRO B 143 19.90 -29.93 -14.36
C PRO B 143 18.74 -29.56 -15.28
N TRP B 144 17.55 -29.47 -14.71
CA TRP B 144 16.37 -29.13 -15.49
C TRP B 144 16.34 -27.65 -15.89
N LEU B 145 16.92 -26.82 -15.04
CA LEU B 145 16.99 -25.39 -15.29
C LEU B 145 17.91 -25.15 -16.49
N LEU B 146 19.03 -25.86 -16.51
CA LEU B 146 19.99 -25.73 -17.60
C LEU B 146 19.41 -26.28 -18.89
N ARG B 147 18.70 -27.41 -18.77
CA ARG B 147 18.06 -28.08 -19.91
C ARG B 147 17.03 -27.10 -20.51
N THR B 148 16.21 -26.53 -19.65
CA THR B 148 15.19 -25.58 -20.08
C THR B 148 15.80 -24.36 -20.77
N LEU B 149 16.77 -23.73 -20.11
CA LEU B 149 17.44 -22.56 -20.68
C LEU B 149 18.03 -22.89 -22.03
N GLU B 150 18.70 -24.03 -22.08
CA GLU B 150 19.32 -24.52 -23.30
C GLU B 150 18.28 -24.62 -24.41
N THR B 151 17.11 -25.15 -24.06
CA THR B 151 16.04 -25.31 -25.03
C THR B 151 15.50 -23.95 -25.51
N LEU B 152 15.27 -23.05 -24.56
CA LEU B 152 14.75 -21.72 -24.91
C LEU B 152 15.68 -20.98 -25.86
N LEU B 153 16.99 -21.15 -25.65
CA LEU B 153 17.96 -20.46 -26.49
C LEU B 153 18.09 -21.04 -27.89
N ARG B 154 17.31 -22.08 -28.19
CA ARG B 154 17.34 -22.67 -29.53
C ARG B 154 16.12 -22.16 -30.28
N LEU B 155 15.29 -21.39 -29.59
CA LEU B 155 14.10 -20.82 -30.18
C LEU B 155 14.48 -19.65 -31.07
N GLU B 156 13.60 -19.34 -32.02
CA GLU B 156 13.82 -18.22 -32.91
C GLU B 156 13.59 -17.03 -31.99
N ARG B 157 14.29 -15.93 -32.22
CA ARG B 157 14.16 -14.76 -31.36
C ARG B 157 13.56 -13.56 -32.07
N PRO B 158 12.93 -12.65 -31.31
CA PRO B 158 12.79 -12.72 -29.85
C PRO B 158 11.65 -13.65 -29.43
N PHE B 159 11.72 -14.12 -28.18
CA PHE B 159 10.71 -15.01 -27.63
C PHE B 159 10.27 -14.53 -26.25
N LEU B 160 9.09 -14.97 -25.82
CA LEU B 160 8.53 -14.62 -24.52
C LEU B 160 7.89 -15.91 -24.03
N VAL B 161 8.46 -16.52 -22.99
CA VAL B 161 7.94 -17.79 -22.51
C VAL B 161 7.79 -17.84 -20.99
N ASN B 162 6.69 -18.44 -20.54
CA ASN B 162 6.43 -18.59 -19.11
C ASN B 162 6.71 -20.05 -18.77
N VAL B 163 7.65 -20.25 -17.86
CA VAL B 163 8.07 -21.59 -17.46
C VAL B 163 7.70 -21.95 -16.03
N ASN B 164 7.18 -23.17 -15.85
CA ASN B 164 6.83 -23.67 -14.53
C ASN B 164 7.50 -25.03 -14.36
N LEU B 165 8.32 -25.16 -13.33
CA LEU B 165 9.02 -26.40 -13.07
C LEU B 165 8.53 -27.08 -11.83
N PRO B 166 8.16 -28.37 -11.93
CA PRO B 166 7.69 -29.08 -10.73
C PRO B 166 8.92 -29.37 -9.87
N LEU B 167 8.72 -29.48 -8.56
CA LEU B 167 9.82 -29.75 -7.65
C LEU B 167 10.84 -30.76 -8.17
N ARG B 168 10.35 -31.85 -8.78
CA ARG B 168 11.21 -32.87 -9.33
C ARG B 168 10.72 -33.30 -10.70
N PRO B 169 11.16 -32.58 -11.75
CA PRO B 169 10.78 -32.83 -13.15
C PRO B 169 11.25 -34.16 -13.70
N LYS B 170 10.51 -34.66 -14.68
CA LYS B 170 10.85 -35.91 -15.34
C LYS B 170 10.72 -35.73 -16.83
N GLY B 171 10.37 -34.51 -17.24
CA GLY B 171 10.23 -34.22 -18.65
C GLY B 171 10.02 -32.76 -18.98
N PHE B 172 9.92 -32.46 -20.27
CA PHE B 172 9.73 -31.09 -20.72
C PHE B 172 8.63 -31.03 -21.78
N LEU B 173 7.74 -30.05 -21.66
CA LEU B 173 6.65 -29.90 -22.61
C LEU B 173 6.31 -28.46 -22.92
N TRP B 174 6.05 -28.18 -24.19
CA TRP B 174 5.61 -26.84 -24.59
C TRP B 174 4.13 -26.92 -24.20
N THR B 175 3.56 -25.83 -23.71
CA THR B 175 2.17 -25.87 -23.29
C THR B 175 1.41 -24.59 -23.60
N ARG B 176 0.09 -24.69 -23.58
CA ARG B 176 -0.71 -23.50 -23.77
C ARG B 176 -1.29 -23.20 -22.39
N GLN B 177 -1.71 -21.97 -22.16
CA GLN B 177 -2.26 -21.56 -20.88
C GLN B 177 -3.57 -22.24 -20.53
N SER B 178 -3.70 -22.71 -19.30
CA SER B 178 -4.94 -23.34 -18.89
C SER B 178 -5.97 -22.24 -18.73
N VAL B 179 -7.09 -22.37 -19.43
CA VAL B 179 -8.15 -21.38 -19.37
C VAL B 179 -9.44 -22.05 -18.91
N ARG B 180 -9.72 -21.98 -17.61
CA ARG B 180 -10.92 -22.62 -17.06
C ARG B 180 -11.92 -21.66 -16.44
N ALA B 181 -13.16 -22.11 -16.35
CA ALA B 181 -14.23 -21.31 -15.75
C ALA B 181 -14.23 -21.60 -14.26
N TYR B 182 -14.68 -20.63 -13.47
CA TYR B 182 -14.74 -20.78 -12.02
C TYR B 182 -16.14 -20.60 -11.48
N GLU B 183 -16.43 -21.26 -10.36
CA GLU B 183 -17.74 -21.11 -9.74
C GLU B 183 -17.44 -20.45 -8.40
N GLY B 184 -18.17 -19.37 -8.12
CA GLY B 184 -17.97 -18.65 -6.88
C GLY B 184 -18.28 -19.48 -5.66
N VAL B 185 -17.48 -19.28 -4.61
CA VAL B 185 -17.65 -19.99 -3.35
C VAL B 185 -17.27 -19.03 -2.23
N VAL B 186 -18.29 -18.59 -1.50
CA VAL B 186 -18.10 -17.67 -0.38
C VAL B 186 -18.64 -18.32 0.88
N ILE B 187 -17.86 -18.25 1.96
CA ILE B 187 -18.27 -18.85 3.23
C ILE B 187 -18.31 -17.81 4.34
N PRO B 188 -19.52 -17.35 4.70
CA PRO B 188 -19.68 -16.35 5.76
C PRO B 188 -19.13 -16.88 7.08
N GLY B 189 -18.64 -15.97 7.92
CA GLY B 189 -18.09 -16.39 9.20
C GLY B 189 -18.07 -15.22 10.18
N GLU B 190 -17.52 -15.45 11.37
CA GLU B 190 -17.44 -14.40 12.37
C GLU B 190 -16.12 -14.40 13.14
N ASP B 191 -15.63 -13.20 13.43
CA ASP B 191 -14.39 -13.06 14.17
C ASP B 191 -14.70 -13.24 15.65
N PRO B 192 -13.68 -13.15 16.51
CA PRO B 192 -13.93 -13.32 17.94
C PRO B 192 -14.59 -12.07 18.54
N MET B 193 -14.65 -11.01 17.75
CA MET B 193 -15.24 -9.75 18.17
C MET B 193 -16.71 -9.65 17.73
N GLY B 194 -17.27 -10.76 17.28
CA GLY B 194 -18.66 -10.78 16.84
C GLY B 194 -18.84 -10.37 15.39
N ARG B 195 -18.03 -9.42 14.93
CA ARG B 195 -18.09 -8.91 13.56
C ARG B 195 -18.04 -10.03 12.50
N PRO B 196 -18.77 -9.85 11.38
CA PRO B 196 -18.81 -10.82 10.29
C PRO B 196 -17.76 -10.61 9.21
N PHE B 197 -17.40 -11.70 8.54
CA PHE B 197 -16.44 -11.67 7.45
C PHE B 197 -16.83 -12.74 6.44
N TYR B 198 -16.10 -12.84 5.35
CA TYR B 198 -16.41 -13.85 4.34
C TYR B 198 -15.15 -14.52 3.81
N TRP B 199 -15.24 -15.84 3.62
CA TRP B 199 -14.12 -16.59 3.08
C TRP B 199 -14.36 -16.76 1.60
N PHE B 200 -13.32 -16.62 0.80
CA PHE B 200 -13.46 -16.79 -0.63
C PHE B 200 -12.66 -18.03 -1.03
N ALA B 201 -13.33 -18.96 -1.72
CA ALA B 201 -12.68 -20.18 -2.16
C ALA B 201 -13.25 -20.64 -3.49
N PRO B 202 -13.15 -19.78 -4.53
CA PRO B 202 -13.66 -20.15 -5.85
C PRO B 202 -12.91 -21.36 -6.38
N ARG B 203 -13.65 -22.28 -6.99
CA ARG B 203 -13.06 -23.51 -7.51
C ARG B 203 -13.31 -23.66 -9.00
N PRO B 204 -12.31 -24.15 -9.73
CA PRO B 204 -12.46 -24.34 -11.18
C PRO B 204 -13.56 -25.35 -11.47
N LEU B 205 -14.28 -25.15 -12.57
CA LEU B 205 -15.37 -26.05 -12.90
C LEU B 205 -14.92 -27.44 -13.39
N LYS B 206 -13.93 -27.49 -14.27
CA LYS B 206 -13.46 -28.79 -14.76
C LYS B 206 -11.99 -29.01 -14.46
N GLU B 207 -11.45 -30.14 -14.93
CA GLU B 207 -10.05 -30.45 -14.70
C GLU B 207 -9.16 -29.85 -15.79
N ALA B 208 -7.91 -29.59 -15.43
CA ALA B 208 -6.96 -29.02 -16.35
C ALA B 208 -6.91 -29.78 -17.67
N GLU B 209 -7.00 -29.06 -18.77
CA GLU B 209 -6.97 -29.65 -20.09
C GLU B 209 -5.60 -30.26 -20.40
N GLU B 210 -5.63 -31.32 -21.19
CA GLU B 210 -4.42 -32.01 -21.61
C GLU B 210 -3.66 -31.02 -22.49
N GLY B 211 -2.36 -30.86 -22.26
CA GLY B 211 -1.58 -29.93 -23.06
C GLY B 211 -1.47 -28.53 -22.46
N THR B 212 -2.10 -28.31 -21.30
CA THR B 212 -2.04 -27.01 -20.65
C THR B 212 -0.93 -27.01 -19.61
N ASP B 213 -0.45 -25.83 -19.27
CA ASP B 213 0.62 -25.69 -18.30
C ASP B 213 0.27 -26.40 -17.00
N ARG B 214 -0.94 -26.17 -16.51
CA ARG B 214 -1.38 -26.78 -15.26
C ARG B 214 -1.39 -28.31 -15.31
N TRP B 215 -1.76 -28.86 -16.47
CA TRP B 215 -1.80 -30.31 -16.65
C TRP B 215 -0.37 -30.85 -16.65
N ALA B 216 0.49 -30.18 -17.40
CA ALA B 216 1.89 -30.57 -17.51
C ALA B 216 2.61 -30.70 -16.16
N VAL B 217 2.55 -29.66 -15.34
CA VAL B 217 3.23 -29.72 -14.05
C VAL B 217 2.66 -30.85 -13.20
N ALA B 218 1.35 -31.04 -13.26
CA ALA B 218 0.70 -32.11 -12.50
C ALA B 218 1.23 -33.47 -12.93
N GLN B 219 1.71 -33.57 -14.17
CA GLN B 219 2.26 -34.83 -14.68
C GLN B 219 3.74 -34.93 -14.36
N GLY B 220 4.29 -33.87 -13.75
CA GLY B 220 5.69 -33.87 -13.40
C GLY B 220 6.61 -33.40 -14.51
N PHE B 221 6.08 -32.63 -15.44
CA PHE B 221 6.89 -32.12 -16.55
C PHE B 221 7.10 -30.61 -16.44
N VAL B 222 8.21 -30.14 -17.01
CA VAL B 222 8.47 -28.71 -17.02
C VAL B 222 7.48 -28.15 -18.04
N SER B 223 6.86 -27.03 -17.69
CA SER B 223 5.89 -26.40 -18.58
C SER B 223 6.46 -25.11 -19.17
N ALA B 224 6.40 -24.99 -20.48
CA ALA B 224 6.89 -23.80 -21.18
C ALA B 224 5.79 -23.27 -22.09
N THR B 225 5.20 -22.13 -21.70
CA THR B 225 4.13 -21.54 -22.49
C THR B 225 4.53 -20.27 -23.22
N PRO B 226 4.44 -20.27 -24.56
CA PRO B 226 4.80 -19.07 -25.30
C PRO B 226 3.67 -18.06 -25.06
N LEU B 227 4.01 -16.82 -24.77
CA LEU B 227 3.01 -15.80 -24.48
C LEU B 227 2.80 -14.77 -25.58
N ARG B 228 1.57 -14.28 -25.66
CA ARG B 228 1.20 -13.28 -26.64
C ARG B 228 0.95 -11.96 -25.91
N LEU B 229 1.37 -10.85 -26.52
CA LEU B 229 1.19 -9.52 -25.93
C LEU B 229 -0.18 -8.90 -26.19
N ASP B 230 -0.77 -9.26 -27.33
CA ASP B 230 -2.07 -8.71 -27.73
C ASP B 230 -3.25 -9.44 -27.09
N LEU B 231 -4.01 -8.71 -26.27
CA LEU B 231 -5.15 -9.29 -25.57
C LEU B 231 -6.44 -9.15 -26.38
N THR B 232 -6.34 -8.56 -27.57
CA THR B 232 -7.50 -8.36 -28.41
C THR B 232 -8.12 -9.69 -28.83
N ASP B 233 -9.45 -9.75 -28.76
CA ASP B 233 -10.18 -10.94 -29.16
C ASP B 233 -10.69 -10.65 -30.59
N GLU B 234 -9.91 -11.06 -31.58
CA GLU B 234 -10.26 -10.83 -32.98
C GLU B 234 -11.57 -11.43 -33.46
N THR B 235 -12.01 -12.52 -32.83
CA THR B 235 -13.26 -13.15 -33.24
C THR B 235 -14.43 -12.24 -32.89
N ARG B 236 -14.14 -11.13 -32.22
CA ARG B 236 -15.21 -10.22 -31.83
C ARG B 236 -15.01 -8.79 -32.30
N LEU B 237 -14.05 -8.58 -33.20
CA LEU B 237 -13.82 -7.25 -33.73
C LEU B 237 -15.00 -6.94 -34.65
N GLN B 238 -15.29 -5.66 -34.85
CA GLN B 238 -16.42 -5.28 -35.66
C GLN B 238 -16.11 -4.15 -36.61
N PRO B 239 -16.91 -4.02 -37.67
CA PRO B 239 -16.66 -2.92 -38.61
C PRO B 239 -17.42 -1.76 -38.01
N THR B 240 -17.30 -0.57 -38.58
CA THR B 240 -18.04 0.57 -38.07
C THR B 240 -19.38 0.49 -38.80
N LEU B 241 -20.41 1.12 -38.25
CA LEU B 241 -21.70 1.07 -38.93
C LEU B 241 -21.93 2.32 -39.77
N MET C 1 -9.50 36.09 7.30
CA MET C 1 -8.81 34.82 7.70
C MET C 1 -8.81 33.82 6.55
N ARG C 2 -7.61 33.33 6.21
CA ARG C 2 -7.47 32.34 5.15
C ARG C 2 -7.34 30.96 5.79
N ILE C 3 -8.23 30.06 5.42
CA ILE C 3 -8.24 28.71 5.98
C ILE C 3 -7.93 27.63 4.95
N LEU C 4 -7.11 26.67 5.37
CA LEU C 4 -6.73 25.55 4.51
C LEU C 4 -7.44 24.32 5.08
N VAL C 5 -8.13 23.58 4.23
CA VAL C 5 -8.84 22.39 4.66
C VAL C 5 -8.30 21.15 3.97
N THR C 6 -8.03 20.13 4.77
CA THR C 6 -7.50 18.87 4.29
C THR C 6 -8.15 17.74 5.08
N ASN C 7 -7.66 16.52 4.89
CA ASN C 7 -8.16 15.35 5.59
C ASN C 7 -7.26 14.20 5.21
N ASP C 8 -7.66 12.98 5.55
CA ASP C 8 -6.86 11.84 5.18
C ASP C 8 -7.71 10.77 4.52
N ASP C 9 -8.95 11.11 4.21
CA ASP C 9 -9.85 10.17 3.55
C ASP C 9 -9.84 10.39 2.04
N GLY C 10 -9.40 11.57 1.61
CA GLY C 10 -9.35 11.85 0.19
C GLY C 10 -10.22 12.99 -0.32
N ILE C 11 -9.85 13.48 -1.50
CA ILE C 11 -10.55 14.58 -2.14
C ILE C 11 -12.02 14.27 -2.42
N TYR C 12 -12.39 12.98 -2.36
CA TYR C 12 -13.78 12.60 -2.63
C TYR C 12 -14.64 12.30 -1.40
N SER C 13 -14.04 12.37 -0.21
CA SER C 13 -14.78 12.12 1.01
C SER C 13 -15.79 13.24 1.30
N PRO C 14 -17.03 12.88 1.65
CA PRO C 14 -18.05 13.89 1.94
C PRO C 14 -17.74 14.69 3.22
N GLY C 15 -16.94 14.11 4.10
CA GLY C 15 -16.58 14.80 5.33
C GLY C 15 -15.67 15.99 5.04
N LEU C 16 -14.83 15.86 4.03
CA LEU C 16 -13.92 16.92 3.63
C LEU C 16 -14.67 18.18 3.26
N TRP C 17 -15.64 18.04 2.36
CA TRP C 17 -16.43 19.19 1.91
C TRP C 17 -17.38 19.69 2.98
N ALA C 18 -17.82 18.79 3.86
CA ALA C 18 -18.69 19.21 4.95
C ALA C 18 -17.85 20.16 5.81
N LEU C 19 -16.58 19.81 6.03
CA LEU C 19 -15.72 20.67 6.84
C LEU C 19 -15.40 21.96 6.09
N ALA C 20 -15.13 21.87 4.79
CA ALA C 20 -14.81 23.04 3.98
C ALA C 20 -15.98 24.02 3.98
N GLU C 21 -17.18 23.50 3.74
CA GLU C 21 -18.38 24.33 3.71
C GLU C 21 -18.56 24.98 5.07
N ALA C 22 -18.47 24.19 6.13
CA ALA C 22 -18.62 24.72 7.49
C ALA C 22 -17.57 25.79 7.76
N ALA C 23 -16.33 25.52 7.38
CA ALA C 23 -15.23 26.47 7.59
C ALA C 23 -15.38 27.76 6.79
N SER C 24 -16.10 27.70 5.67
CA SER C 24 -16.28 28.88 4.83
C SER C 24 -17.12 29.93 5.55
N GLN C 25 -17.75 29.53 6.64
CA GLN C 25 -18.57 30.46 7.42
C GLN C 25 -17.67 31.33 8.30
N PHE C 26 -16.36 31.15 8.20
CA PHE C 26 -15.42 31.92 9.02
C PHE C 26 -14.26 32.55 8.27
N GLY C 27 -14.10 32.22 6.99
CA GLY C 27 -13.00 32.79 6.23
C GLY C 27 -12.90 32.17 4.84
N GLU C 28 -11.92 32.60 4.06
CA GLU C 28 -11.74 32.04 2.73
C GLU C 28 -11.11 30.65 2.83
N VAL C 29 -11.84 29.66 2.35
CA VAL C 29 -11.38 28.28 2.40
C VAL C 29 -10.64 27.83 1.15
N PHE C 30 -9.58 27.07 1.36
CA PHE C 30 -8.76 26.53 0.29
C PHE C 30 -8.60 25.05 0.63
N VAL C 31 -8.86 24.19 -0.35
CA VAL C 31 -8.78 22.75 -0.14
C VAL C 31 -7.60 22.09 -0.84
N ALA C 32 -7.02 21.11 -0.16
CA ALA C 32 -5.90 20.33 -0.68
C ALA C 32 -5.92 19.02 0.09
N ALA C 33 -6.40 17.96 -0.55
CA ALA C 33 -6.49 16.66 0.09
C ALA C 33 -5.84 15.58 -0.76
N PRO C 34 -5.48 14.45 -0.14
CA PRO C 34 -4.86 13.38 -0.92
C PRO C 34 -5.86 12.83 -1.92
N ASP C 35 -5.37 12.34 -3.05
CA ASP C 35 -6.26 11.82 -4.09
C ASP C 35 -6.80 10.43 -3.75
N THR C 36 -6.41 9.91 -2.60
CA THR C 36 -6.86 8.59 -2.17
C THR C 36 -6.58 8.33 -0.68
N HIS C 43 3.08 9.29 7.98
CA HIS C 43 2.18 10.48 7.93
C HIS C 43 2.95 11.78 7.85
N ALA C 44 4.29 11.69 7.82
CA ALA C 44 5.13 12.87 7.76
C ALA C 44 5.19 13.45 6.35
N ILE C 45 5.86 14.59 6.22
CA ILE C 45 6.00 15.23 4.92
C ILE C 45 6.94 14.38 4.06
N THR C 46 6.54 14.14 2.82
CA THR C 46 7.33 13.34 1.90
C THR C 46 8.55 14.15 1.44
N ILE C 47 9.71 13.76 1.93
CA ILE C 47 10.95 14.45 1.56
C ILE C 47 11.72 13.56 0.59
N ALA C 48 11.36 12.28 0.57
CA ALA C 48 11.99 11.29 -0.29
C ALA C 48 11.90 11.69 -1.76
N HIS C 49 10.75 11.48 -2.37
CA HIS C 49 10.57 11.82 -3.79
C HIS C 49 9.60 12.99 -3.97
N PRO C 50 9.54 13.57 -5.18
CA PRO C 50 8.65 14.71 -5.45
C PRO C 50 7.19 14.29 -5.49
N VAL C 51 6.31 15.19 -5.08
CA VAL C 51 4.88 14.89 -5.09
C VAL C 51 4.17 15.64 -6.21
N ARG C 52 3.11 15.04 -6.73
CA ARG C 52 2.32 15.64 -7.79
C ARG C 52 1.08 16.25 -7.13
N ALA C 53 0.46 17.20 -7.83
CA ALA C 53 -0.74 17.85 -7.32
C ALA C 53 -1.48 18.45 -8.51
N TYR C 54 -2.78 18.20 -8.60
CA TYR C 54 -3.55 18.71 -9.72
C TYR C 54 -4.74 19.53 -9.28
N PRO C 55 -5.03 20.63 -10.00
CA PRO C 55 -6.17 21.45 -9.62
C PRO C 55 -7.40 20.55 -9.70
N HIS C 56 -8.30 20.70 -8.74
CA HIS C 56 -9.50 19.88 -8.70
C HIS C 56 -10.73 20.76 -8.57
N PRO C 57 -11.83 20.36 -9.22
CA PRO C 57 -13.07 21.13 -9.18
C PRO C 57 -13.85 20.81 -7.91
N SER C 58 -14.33 21.84 -7.21
CA SER C 58 -15.10 21.61 -5.99
C SER C 58 -16.38 20.86 -6.38
N PRO C 59 -16.85 19.97 -5.50
CA PRO C 59 -18.06 19.17 -5.75
C PRO C 59 -19.24 19.98 -6.26
N LEU C 60 -20.06 19.34 -7.09
CA LEU C 60 -21.23 19.97 -7.68
C LEU C 60 -22.19 20.58 -6.66
N HIS C 61 -22.60 19.79 -5.67
CA HIS C 61 -23.52 20.30 -4.66
C HIS C 61 -22.80 20.82 -3.42
N ALA C 62 -22.04 21.90 -3.60
CA ALA C 62 -21.29 22.52 -2.51
C ALA C 62 -20.68 23.80 -3.05
N PRO C 63 -20.46 24.80 -2.17
CA PRO C 63 -19.87 26.08 -2.57
C PRO C 63 -18.60 25.89 -3.41
N HIS C 64 -18.18 26.94 -4.11
CA HIS C 64 -16.97 26.87 -4.91
C HIS C 64 -15.76 26.93 -3.98
N PHE C 65 -14.82 26.02 -4.17
CA PHE C 65 -13.62 25.98 -3.34
C PHE C 65 -12.37 25.75 -4.19
N PRO C 66 -11.42 26.69 -4.13
CA PRO C 66 -10.19 26.49 -4.92
C PRO C 66 -9.58 25.22 -4.32
N ALA C 67 -9.48 24.16 -5.10
CA ALA C 67 -8.95 22.92 -4.55
C ALA C 67 -7.90 22.21 -5.37
N TYR C 68 -7.08 21.42 -4.68
CA TYR C 68 -6.04 20.64 -5.30
C TYR C 68 -6.09 19.20 -4.80
N ARG C 69 -5.79 18.29 -5.70
CA ARG C 69 -5.75 16.87 -5.41
C ARG C 69 -4.26 16.57 -5.28
N VAL C 70 -3.84 16.06 -4.13
CA VAL C 70 -2.42 15.80 -3.89
C VAL C 70 -2.02 14.33 -3.85
N ARG C 71 -0.95 14.01 -4.56
CA ARG C 71 -0.43 12.64 -4.60
C ARG C 71 0.56 12.53 -3.46
N GLY C 72 0.06 12.61 -2.24
CA GLY C 72 0.93 12.52 -1.09
C GLY C 72 0.18 12.37 0.21
N THR C 73 0.87 12.60 1.31
CA THR C 73 0.28 12.46 2.63
C THR C 73 -0.47 13.73 3.07
N PRO C 74 -1.34 13.59 4.08
CA PRO C 74 -2.11 14.73 4.59
C PRO C 74 -1.17 15.87 4.96
N ALA C 75 -0.03 15.53 5.53
CA ALA C 75 0.96 16.53 5.92
C ALA C 75 1.53 17.18 4.66
N ASP C 76 1.63 16.40 3.59
CA ASP C 76 2.13 16.91 2.31
C ASP C 76 1.17 18.00 1.84
N CYS C 77 -0.12 17.74 1.97
CA CYS C 77 -1.14 18.69 1.56
C CYS C 77 -0.99 20.01 2.29
N VAL C 78 -0.59 19.96 3.56
CA VAL C 78 -0.40 21.17 4.33
C VAL C 78 0.80 21.94 3.81
N ALA C 79 1.90 21.24 3.56
CA ALA C 79 3.11 21.89 3.05
C ALA C 79 2.84 22.51 1.68
N LEU C 80 2.20 21.73 0.82
CA LEU C 80 1.88 22.17 -0.53
C LEU C 80 0.80 23.24 -0.50
N GLY C 81 -0.14 23.11 0.43
CA GLY C 81 -1.21 24.07 0.54
C GLY C 81 -0.71 25.46 0.94
N LEU C 82 0.20 25.51 1.90
CA LEU C 82 0.75 26.79 2.35
C LEU C 82 1.52 27.48 1.23
N HIS C 83 1.97 26.67 0.27
CA HIS C 83 2.72 27.19 -0.87
C HIS C 83 1.80 27.73 -1.96
N LEU C 84 0.79 26.95 -2.33
CA LEU C 84 -0.14 27.34 -3.38
C LEU C 84 -1.21 28.35 -2.94
N PHE C 85 -1.53 28.38 -1.65
CA PHE C 85 -2.56 29.30 -1.16
C PHE C 85 -2.03 30.27 -0.11
N GLY C 86 -0.73 30.24 0.15
CA GLY C 86 -0.16 31.13 1.15
C GLY C 86 -0.61 32.57 0.98
N PRO C 87 -0.80 33.32 2.08
CA PRO C 87 -0.60 32.91 3.48
C PRO C 87 -1.86 32.24 4.06
N VAL C 88 -1.64 31.32 5.00
CA VAL C 88 -2.76 30.64 5.64
C VAL C 88 -2.70 30.90 7.13
N ASP C 89 -3.87 31.09 7.74
CA ASP C 89 -3.95 31.37 9.18
C ASP C 89 -4.40 30.15 9.97
N LEU C 90 -5.18 29.30 9.32
CA LEU C 90 -5.72 28.14 9.99
C LEU C 90 -5.73 26.89 9.13
N VAL C 91 -5.45 25.75 9.75
CA VAL C 91 -5.45 24.47 9.05
C VAL C 91 -6.46 23.56 9.74
N LEU C 92 -7.44 23.08 8.97
CA LEU C 92 -8.47 22.20 9.49
C LEU C 92 -8.39 20.88 8.75
N SER C 93 -8.37 19.78 9.51
CA SER C 93 -8.26 18.45 8.93
C SER C 93 -9.46 17.57 9.28
N GLY C 94 -10.10 17.02 8.24
CA GLY C 94 -11.26 16.17 8.45
C GLY C 94 -12.36 16.58 7.48
N VAL C 95 -13.63 16.28 7.79
CA VAL C 95 -14.01 15.55 9.00
C VAL C 95 -13.74 14.08 8.72
N ASN C 96 -12.89 13.46 9.53
CA ASN C 96 -12.56 12.06 9.31
C ASN C 96 -13.72 11.09 9.50
N LEU C 97 -13.74 10.05 8.68
CA LEU C 97 -14.78 9.04 8.76
C LEU C 97 -14.23 7.96 9.68
N GLY C 98 -14.36 8.19 10.97
CA GLY C 98 -13.84 7.25 11.95
C GLY C 98 -13.31 8.01 13.14
N SER C 99 -13.36 7.38 14.31
CA SER C 99 -12.89 8.02 15.52
C SER C 99 -11.38 8.23 15.57
N ASN C 100 -10.96 9.12 16.45
CA ASN C 100 -9.58 9.43 16.70
C ASN C 100 -9.56 9.83 18.15
N LEU C 101 -9.77 8.83 19.00
CA LEU C 101 -9.84 8.98 20.45
C LEU C 101 -8.71 8.29 21.19
N GLY C 102 -8.38 8.81 22.37
CA GLY C 102 -7.35 8.23 23.20
C GLY C 102 -6.06 7.83 22.51
N HIS C 103 -5.74 6.54 22.57
CA HIS C 103 -4.52 6.01 21.98
C HIS C 103 -4.47 6.18 20.45
N GLU C 104 -5.65 6.24 19.82
CA GLU C 104 -5.75 6.39 18.37
C GLU C 104 -5.15 7.71 17.84
N ILE C 105 -5.04 8.71 18.71
CA ILE C 105 -4.52 10.02 18.30
C ILE C 105 -3.09 9.97 17.80
N TRP C 106 -2.25 9.20 18.49
CA TRP C 106 -0.85 9.07 18.18
C TRP C 106 -0.51 8.81 16.71
N HIS C 107 -1.24 7.90 16.07
CA HIS C 107 -0.96 7.57 14.68
C HIS C 107 -2.02 8.00 13.68
N SER C 108 -2.84 8.99 14.05
CA SER C 108 -3.90 9.47 13.16
C SER C 108 -3.36 10.35 12.04
N GLY C 109 -3.80 10.07 10.81
CA GLY C 109 -3.36 10.86 9.67
C GLY C 109 -4.05 12.21 9.69
N THR C 110 -5.29 12.20 10.17
CA THR C 110 -6.09 13.41 10.26
C THR C 110 -5.39 14.37 11.23
N VAL C 111 -5.00 13.84 12.39
CA VAL C 111 -4.32 14.66 13.38
C VAL C 111 -2.94 15.10 12.90
N ALA C 112 -2.27 14.23 12.15
CA ALA C 112 -0.95 14.54 11.62
C ALA C 112 -0.98 15.82 10.78
N ALA C 113 -1.99 15.95 9.92
CA ALA C 113 -2.13 17.14 9.07
C ALA C 113 -2.22 18.40 9.92
N ALA C 114 -3.07 18.36 10.94
CA ALA C 114 -3.25 19.51 11.83
C ALA C 114 -1.95 19.82 12.56
N LYS C 115 -1.32 18.79 13.11
CA LYS C 115 -0.05 18.94 13.82
C LYS C 115 0.97 19.58 12.89
N GLN C 116 0.99 19.15 11.63
CA GLN C 116 1.93 19.70 10.66
C GLN C 116 1.65 21.19 10.53
N GLY C 117 0.37 21.55 10.55
CA GLY C 117 -0.01 22.95 10.45
C GLY C 117 0.55 23.68 11.66
N TYR C 118 0.47 23.02 12.82
CA TYR C 118 0.97 23.63 14.04
C TYR C 118 2.48 23.79 13.95
N LEU C 119 3.17 22.76 13.49
CA LEU C 119 4.62 22.83 13.35
C LEU C 119 5.05 23.99 12.47
N PHE C 120 4.17 24.45 11.60
CA PHE C 120 4.47 25.57 10.72
C PHE C 120 4.05 26.89 11.34
N GLY C 121 3.77 26.88 12.64
CA GLY C 121 3.39 28.10 13.33
C GLY C 121 1.98 28.60 13.14
N LEU C 122 1.10 27.72 12.69
CA LEU C 122 -0.29 28.10 12.48
C LEU C 122 -1.19 27.42 13.52
N SER C 123 -2.44 27.84 13.57
CA SER C 123 -3.41 27.24 14.46
C SER C 123 -4.04 26.11 13.65
N ALA C 124 -4.43 25.03 14.31
CA ALA C 124 -5.00 23.90 13.59
C ALA C 124 -5.87 23.01 14.45
N ALA C 125 -6.77 22.28 13.80
CA ALA C 125 -7.67 21.37 14.49
C ALA C 125 -8.04 20.21 13.58
N ALA C 126 -8.20 19.04 14.18
CA ALA C 126 -8.60 17.83 13.48
C ALA C 126 -10.04 17.52 13.89
N PHE C 127 -10.84 17.11 12.91
CA PHE C 127 -12.24 16.77 13.16
C PHE C 127 -12.51 15.33 12.72
N SER C 128 -13.00 14.51 13.65
CA SER C 128 -13.30 13.12 13.39
C SER C 128 -14.67 12.76 13.92
N VAL C 129 -15.27 11.72 13.35
CA VAL C 129 -16.57 11.28 13.78
C VAL C 129 -16.60 9.78 13.99
N PRO C 130 -16.66 9.33 15.25
CA PRO C 130 -16.70 7.89 15.50
C PRO C 130 -18.01 7.37 14.92
N LEU C 131 -17.93 6.41 14.02
CA LEU C 131 -19.11 5.85 13.38
C LEU C 131 -19.36 4.40 13.77
N ASN C 132 -18.30 3.73 14.25
CA ASN C 132 -18.33 2.33 14.68
C ASN C 132 -19.39 1.40 14.09
N GLY C 133 -19.98 1.78 12.96
CA GLY C 133 -21.00 0.97 12.35
C GLY C 133 -21.57 1.61 11.09
N GLU C 134 -22.31 2.71 11.26
CA GLU C 134 -22.90 3.40 10.12
C GLU C 134 -22.03 4.51 9.57
N VAL C 135 -22.66 5.40 8.80
CA VAL C 135 -21.98 6.53 8.19
C VAL C 135 -22.62 7.81 8.74
N PRO C 136 -21.83 8.88 8.88
CA PRO C 136 -22.32 10.16 9.40
C PRO C 136 -23.21 10.95 8.44
N ASP C 137 -24.14 11.71 9.03
CA ASP C 137 -25.04 12.57 8.28
C ASP C 137 -24.59 13.99 8.53
N PHE C 138 -23.76 14.50 7.63
CA PHE C 138 -23.21 15.84 7.78
C PHE C 138 -24.22 16.98 7.70
N ALA C 139 -25.42 16.69 7.23
CA ALA C 139 -26.45 17.71 7.13
C ALA C 139 -26.90 18.09 8.53
N GLY C 140 -27.27 17.08 9.32
CA GLY C 140 -27.73 17.34 10.67
C GLY C 140 -26.60 17.49 11.66
N LEU C 141 -25.37 17.55 11.15
CA LEU C 141 -24.18 17.68 11.99
C LEU C 141 -23.56 19.07 11.85
N ARG C 142 -23.98 19.81 10.82
CA ARG C 142 -23.47 21.14 10.53
C ARG C 142 -23.60 22.15 11.67
N PRO C 143 -24.76 22.20 12.35
CA PRO C 143 -24.91 23.15 13.44
C PRO C 143 -23.79 22.97 14.46
N TRP C 144 -23.49 21.70 14.76
CA TRP C 144 -22.44 21.36 15.72
C TRP C 144 -21.04 21.68 15.22
N LEU C 145 -20.79 21.51 13.92
CA LEU C 145 -19.48 21.82 13.37
C LEU C 145 -19.24 23.31 13.57
N LEU C 146 -20.26 24.10 13.22
CA LEU C 146 -20.19 25.54 13.33
C LEU C 146 -19.99 25.99 14.78
N ARG C 147 -20.77 25.41 15.69
CA ARG C 147 -20.65 25.74 17.10
C ARG C 147 -19.23 25.44 17.56
N THR C 148 -18.73 24.25 17.19
CA THR C 148 -17.39 23.83 17.56
C THR C 148 -16.34 24.81 17.04
N LEU C 149 -16.39 25.08 15.74
CA LEU C 149 -15.44 26.02 15.13
C LEU C 149 -15.47 27.38 15.81
N GLU C 150 -16.69 27.87 16.07
CA GLU C 150 -16.84 29.17 16.71
C GLU C 150 -16.15 29.18 18.06
N THR C 151 -16.28 28.08 18.79
CA THR C 151 -15.66 27.97 20.09
C THR C 151 -14.14 27.90 19.98
N LEU C 152 -13.64 27.17 18.98
CA LEU C 152 -12.21 27.03 18.78
C LEU C 152 -11.54 28.34 18.36
N LEU C 153 -12.25 29.12 17.55
CA LEU C 153 -11.71 30.39 17.07
C LEU C 153 -11.65 31.48 18.13
N ARG C 154 -12.06 31.16 19.36
CA ARG C 154 -12.01 32.11 20.45
C ARG C 154 -10.77 31.87 21.28
N LEU C 155 -10.08 30.76 21.01
CA LEU C 155 -8.86 30.41 21.73
C LEU C 155 -7.75 31.37 21.35
N GLU C 156 -6.71 31.44 22.18
CA GLU C 156 -5.57 32.30 21.89
C GLU C 156 -4.71 31.53 20.90
N ARG C 157 -4.34 32.19 19.82
CA ARG C 157 -3.53 31.55 18.79
C ARG C 157 -2.07 31.50 19.24
N PRO C 158 -1.34 30.46 18.82
CA PRO C 158 -1.89 29.37 18.00
C PRO C 158 -2.34 28.22 18.88
N PHE C 159 -3.29 27.43 18.39
CA PHE C 159 -3.79 26.28 19.13
C PHE C 159 -3.73 25.01 18.30
N LEU C 160 -3.90 23.87 18.96
CA LEU C 160 -3.90 22.56 18.32
C LEU C 160 -4.95 21.76 19.07
N VAL C 161 -6.10 21.55 18.44
CA VAL C 161 -7.18 20.82 19.10
C VAL C 161 -7.66 19.61 18.33
N ASN C 162 -7.95 18.53 19.05
CA ASN C 162 -8.46 17.33 18.42
C ASN C 162 -9.94 17.23 18.74
N VAL C 163 -10.77 17.23 17.71
CA VAL C 163 -12.20 17.16 17.90
C VAL C 163 -12.85 15.86 17.42
N ASN C 164 -13.72 15.31 18.25
CA ASN C 164 -14.45 14.11 17.88
C ASN C 164 -15.92 14.44 18.11
N LEU C 165 -16.70 14.37 17.04
CA LEU C 165 -18.13 14.64 17.14
C LEU C 165 -18.94 13.37 17.03
N PRO C 166 -19.68 13.02 18.07
CA PRO C 166 -20.49 11.81 18.00
C PRO C 166 -21.55 12.06 16.93
N LEU C 167 -22.13 11.00 16.36
CA LEU C 167 -23.13 11.14 15.30
C LEU C 167 -24.25 12.14 15.63
N ARG C 168 -24.89 11.97 16.78
CA ARG C 168 -25.95 12.87 17.21
C ARG C 168 -25.50 13.63 18.45
N PRO C 169 -24.67 14.66 18.26
CA PRO C 169 -24.16 15.46 19.39
C PRO C 169 -25.24 16.18 20.18
N LYS C 170 -25.07 16.22 21.50
CA LYS C 170 -26.00 16.90 22.39
C LYS C 170 -25.23 17.71 23.43
N GLY C 171 -24.17 18.39 22.97
CA GLY C 171 -23.36 19.20 23.86
C GLY C 171 -21.88 19.24 23.51
N PHE C 172 -21.23 20.34 23.87
CA PHE C 172 -19.80 20.53 23.63
C PHE C 172 -19.08 20.44 24.96
N LEU C 173 -17.83 19.99 24.93
CA LEU C 173 -17.06 19.84 26.16
C LEU C 173 -15.56 19.78 25.87
N TRP C 174 -14.75 20.47 26.69
CA TRP C 174 -13.30 20.40 26.51
C TRP C 174 -12.89 19.10 27.18
N THR C 175 -11.99 18.34 26.56
CA THR C 175 -11.60 17.08 27.16
C THR C 175 -10.11 16.82 27.15
N ARG C 176 -9.70 15.82 27.91
CA ARG C 176 -8.30 15.42 27.95
C ARG C 176 -8.30 14.03 27.30
N GLN C 177 -7.17 13.63 26.75
CA GLN C 177 -7.08 12.33 26.09
C GLN C 177 -7.28 11.14 27.02
N SER C 178 -8.07 10.17 26.57
CA SER C 178 -8.27 8.97 27.36
C SER C 178 -6.97 8.18 27.27
N VAL C 179 -6.48 7.68 28.40
CA VAL C 179 -5.25 6.90 28.41
C VAL C 179 -5.45 5.64 29.25
N ARG C 180 -5.99 4.60 28.63
CA ARG C 180 -6.25 3.36 29.36
C ARG C 180 -5.25 2.28 29.04
N ALA C 181 -5.14 1.33 29.97
CA ALA C 181 -4.26 0.18 29.80
C ALA C 181 -5.08 -0.88 29.07
N TYR C 182 -4.41 -1.72 28.29
CA TYR C 182 -5.08 -2.78 27.55
C TYR C 182 -4.56 -4.14 27.93
N GLU C 183 -5.33 -5.16 27.58
CA GLU C 183 -4.92 -6.52 27.84
C GLU C 183 -4.82 -7.20 26.49
N GLY C 184 -3.74 -7.94 26.28
CA GLY C 184 -3.55 -8.63 25.01
C GLY C 184 -4.46 -9.82 24.87
N VAL C 185 -5.26 -9.82 23.82
CA VAL C 185 -6.17 -10.92 23.55
C VAL C 185 -5.86 -11.45 22.16
N VAL C 186 -5.40 -12.69 22.12
CA VAL C 186 -5.06 -13.34 20.85
C VAL C 186 -5.81 -14.66 20.75
N ILE C 187 -6.45 -14.89 19.61
CA ILE C 187 -7.20 -16.12 19.41
C ILE C 187 -6.74 -16.83 18.14
N PRO C 188 -6.19 -18.04 18.31
CA PRO C 188 -5.70 -18.87 17.20
C PRO C 188 -6.80 -19.29 16.25
N GLY C 189 -6.43 -19.42 14.99
CA GLY C 189 -7.38 -19.84 13.96
C GLY C 189 -6.59 -20.49 12.85
N GLU C 190 -7.29 -20.88 11.78
CA GLU C 190 -6.63 -21.51 10.65
C GLU C 190 -7.35 -21.15 9.35
N ASP C 191 -6.59 -20.86 8.31
CA ASP C 191 -7.23 -20.57 7.03
C ASP C 191 -7.74 -21.94 6.59
N PRO C 192 -9.00 -22.02 6.12
CA PRO C 192 -9.56 -23.31 5.68
C PRO C 192 -8.67 -24.12 4.74
N MET C 193 -7.45 -23.64 4.51
CA MET C 193 -6.50 -24.34 3.67
C MET C 193 -5.44 -25.04 4.53
N GLY C 194 -5.61 -24.98 5.85
CA GLY C 194 -4.66 -25.64 6.73
C GLY C 194 -3.85 -24.81 7.72
N ARG C 195 -3.01 -23.91 7.22
CA ARG C 195 -2.15 -23.07 8.06
C ARG C 195 -2.83 -22.25 9.16
N PRO C 196 -2.08 -21.94 10.23
CA PRO C 196 -2.54 -21.16 11.39
C PRO C 196 -2.28 -19.65 11.36
N PHE C 197 -3.20 -18.90 11.97
CA PHE C 197 -3.06 -17.45 12.08
C PHE C 197 -3.64 -17.01 13.42
N TYR C 198 -3.57 -15.72 13.71
CA TYR C 198 -4.07 -15.26 15.00
C TYR C 198 -4.94 -14.03 14.93
N TRP C 199 -6.01 -14.03 15.73
CA TRP C 199 -6.90 -12.89 15.79
C TRP C 199 -6.42 -12.00 16.93
N PHE C 200 -6.27 -10.71 16.65
CA PHE C 200 -5.86 -9.76 17.68
C PHE C 200 -7.07 -8.94 18.07
N ALA C 201 -7.43 -9.00 19.35
CA ALA C 201 -8.56 -8.26 19.84
C ALA C 201 -8.21 -7.65 21.19
N PRO C 202 -7.30 -6.68 21.20
CA PRO C 202 -6.91 -6.05 22.46
C PRO C 202 -8.09 -5.23 22.99
N ARG C 203 -8.30 -5.27 24.31
CA ARG C 203 -9.40 -4.52 24.91
C ARG C 203 -9.02 -3.77 26.18
N PRO C 204 -9.53 -2.54 26.34
CA PRO C 204 -9.23 -1.72 27.52
C PRO C 204 -9.63 -2.43 28.80
N LEU C 205 -8.86 -2.21 29.87
CA LEU C 205 -9.13 -2.82 31.16
C LEU C 205 -10.25 -2.18 31.95
N LYS C 206 -10.56 -0.91 31.65
CA LYS C 206 -11.61 -0.21 32.38
C LYS C 206 -12.42 0.71 31.46
N GLU C 207 -13.42 1.37 32.03
CA GLU C 207 -14.25 2.30 31.28
C GLU C 207 -13.47 3.61 31.20
N ALA C 208 -13.74 4.41 30.18
CA ALA C 208 -13.05 5.68 30.04
C ALA C 208 -13.34 6.56 31.24
N GLU C 209 -12.31 7.24 31.75
CA GLU C 209 -12.48 8.11 32.90
C GLU C 209 -13.29 9.35 32.51
N GLU C 210 -13.95 9.96 33.49
CA GLU C 210 -14.76 11.16 33.24
C GLU C 210 -13.86 12.32 32.79
N GLY C 211 -14.32 13.07 31.80
CA GLY C 211 -13.54 14.18 31.31
C GLY C 211 -12.64 13.81 30.14
N THR C 212 -12.54 12.51 29.82
CA THR C 212 -11.70 12.10 28.70
C THR C 212 -12.51 12.13 27.42
N ASP C 213 -11.81 12.22 26.29
CA ASP C 213 -12.49 12.26 25.01
C ASP C 213 -13.40 11.04 24.81
N ARG C 214 -12.94 9.85 25.20
CA ARG C 214 -13.76 8.64 25.07
C ARG C 214 -15.06 8.84 25.81
N TRP C 215 -14.93 9.13 27.10
CA TRP C 215 -16.07 9.35 27.98
C TRP C 215 -17.05 10.34 27.36
N ALA C 216 -16.54 11.51 26.99
CA ALA C 216 -17.38 12.57 26.40
C ALA C 216 -18.24 12.12 25.21
N VAL C 217 -17.65 11.43 24.23
CA VAL C 217 -18.43 11.00 23.08
C VAL C 217 -19.44 9.93 23.48
N ALA C 218 -19.05 9.08 24.42
CA ALA C 218 -19.96 8.03 24.89
C ALA C 218 -21.19 8.70 25.49
N GLN C 219 -20.98 9.85 26.15
CA GLN C 219 -22.07 10.60 26.75
C GLN C 219 -22.85 11.32 25.67
N GLY C 220 -22.32 11.31 24.44
CA GLY C 220 -22.98 11.97 23.34
C GLY C 220 -22.57 13.41 23.11
N PHE C 221 -21.47 13.84 23.72
CA PHE C 221 -21.02 15.21 23.55
C PHE C 221 -19.86 15.33 22.58
N VAL C 222 -19.69 16.53 22.03
CA VAL C 222 -18.58 16.79 21.14
C VAL C 222 -17.35 16.91 22.04
N SER C 223 -16.27 16.26 21.65
CA SER C 223 -15.04 16.31 22.43
C SER C 223 -13.98 17.16 21.76
N ALA C 224 -13.36 18.07 22.52
CA ALA C 224 -12.31 18.92 21.98
C ALA C 224 -11.12 18.86 22.93
N THR C 225 -10.05 18.22 22.47
CA THR C 225 -8.84 18.05 23.27
C THR C 225 -7.65 18.87 22.79
N PRO C 226 -7.09 19.71 23.67
CA PRO C 226 -5.94 20.51 23.27
C PRO C 226 -4.75 19.55 23.27
N LEU C 227 -3.98 19.55 22.18
CA LEU C 227 -2.85 18.64 22.06
C LEU C 227 -1.49 19.26 22.29
N ARG C 228 -0.59 18.46 22.86
CA ARG C 228 0.77 18.88 23.12
C ARG C 228 1.64 18.31 22.02
N LEU C 229 2.80 18.89 21.80
CA LEU C 229 3.71 18.42 20.77
C LEU C 229 4.86 17.66 21.41
N ASP C 230 5.09 17.96 22.69
CA ASP C 230 6.18 17.35 23.44
C ASP C 230 5.80 16.02 24.06
N LEU C 231 6.43 14.95 23.59
CA LEU C 231 6.17 13.60 24.07
C LEU C 231 6.97 13.26 25.33
N THR C 232 7.89 14.15 25.70
CA THR C 232 8.73 13.94 26.87
C THR C 232 7.88 13.76 28.11
N ASP C 233 8.29 12.84 28.97
CA ASP C 233 7.58 12.63 30.23
C ASP C 233 8.42 13.38 31.27
N GLU C 234 8.14 14.67 31.43
CA GLU C 234 8.87 15.53 32.37
C GLU C 234 8.99 14.98 33.79
N THR C 235 7.94 14.34 34.29
CA THR C 235 7.97 13.80 35.65
C THR C 235 9.07 12.76 35.81
N ARG C 236 9.64 12.34 34.69
CA ARG C 236 10.69 11.33 34.69
C ARG C 236 12.05 11.91 34.35
N LEU C 237 12.08 13.21 34.07
CA LEU C 237 13.34 13.84 33.73
C LEU C 237 14.16 14.38 34.90
N GLN C 238 15.44 14.03 34.84
CA GLN C 238 16.46 14.40 35.81
C GLN C 238 17.72 13.65 35.36
N MET D 1 14.32 -12.60 34.26
CA MET D 1 13.06 -12.06 33.69
C MET D 1 12.94 -12.50 32.25
N ARG D 2 11.73 -12.44 31.70
CA ARG D 2 11.48 -12.83 30.32
C ARG D 2 11.41 -11.55 29.47
N ILE D 3 12.13 -11.55 28.36
CA ILE D 3 12.20 -10.37 27.51
C ILE D 3 11.81 -10.60 26.05
N LEU D 4 10.90 -9.76 25.55
CA LEU D 4 10.49 -9.84 24.16
C LEU D 4 11.23 -8.76 23.38
N VAL D 5 11.86 -9.16 22.27
CA VAL D 5 12.59 -8.23 21.44
C VAL D 5 11.98 -8.18 20.04
N THR D 6 11.75 -6.96 19.56
CA THR D 6 11.16 -6.76 18.24
C THR D 6 11.78 -5.50 17.61
N ASN D 7 11.27 -5.11 16.45
CA ASN D 7 11.76 -3.93 15.74
C ASN D 7 10.83 -3.71 14.55
N ASP D 8 11.26 -2.89 13.59
CA ASP D 8 10.43 -2.69 12.41
C ASP D 8 11.21 -2.82 11.12
N ASP D 9 12.48 -3.20 11.24
CA ASP D 9 13.32 -3.41 10.08
C ASP D 9 13.15 -4.84 9.57
N GLY D 10 12.63 -5.72 10.42
CA GLY D 10 12.44 -7.10 10.00
C GLY D 10 13.28 -8.11 10.75
N ILE D 11 12.96 -9.38 10.54
CA ILE D 11 13.66 -10.48 11.22
C ILE D 11 15.10 -10.68 10.76
N TYR D 12 15.51 -10.05 9.66
CA TYR D 12 16.88 -10.23 9.18
C TYR D 12 17.82 -9.06 9.46
N SER D 13 17.39 -8.12 10.29
CA SER D 13 18.24 -6.97 10.59
C SER D 13 19.31 -7.28 11.63
N PRO D 14 20.57 -6.93 11.34
CA PRO D 14 21.61 -7.22 12.33
C PRO D 14 21.33 -6.44 13.62
N GLY D 15 20.52 -5.39 13.49
CA GLY D 15 20.18 -4.56 14.64
C GLY D 15 19.27 -5.27 15.62
N LEU D 16 18.41 -6.14 15.11
CA LEU D 16 17.48 -6.89 15.95
C LEU D 16 18.23 -7.89 16.82
N TRP D 17 19.16 -8.61 16.21
CA TRP D 17 19.91 -9.62 16.93
C TRP D 17 20.95 -9.04 17.89
N ALA D 18 21.40 -7.81 17.63
CA ALA D 18 22.37 -7.18 18.52
C ALA D 18 21.61 -6.84 19.82
N LEU D 19 20.38 -6.36 19.67
CA LEU D 19 19.56 -6.01 20.82
C LEU D 19 19.18 -7.28 21.60
N ALA D 20 18.85 -8.34 20.86
CA ALA D 20 18.47 -9.61 21.49
C ALA D 20 19.64 -10.20 22.26
N GLU D 21 20.84 -10.13 21.67
CA GLU D 21 22.04 -10.65 22.32
C GLU D 21 22.35 -9.85 23.57
N ALA D 22 22.23 -8.53 23.48
CA ALA D 22 22.50 -7.66 24.62
C ALA D 22 21.47 -7.93 25.71
N ALA D 23 20.21 -8.02 25.33
CA ALA D 23 19.12 -8.26 26.27
C ALA D 23 19.28 -9.61 26.97
N SER D 24 19.92 -10.56 26.29
CA SER D 24 20.10 -11.89 26.84
C SER D 24 21.02 -11.95 28.07
N GLN D 25 21.71 -10.85 28.35
CA GLN D 25 22.60 -10.79 29.52
C GLN D 25 21.75 -10.46 30.74
N PHE D 26 20.52 -10.03 30.51
CA PHE D 26 19.62 -9.63 31.59
C PHE D 26 18.41 -10.53 31.80
N GLY D 27 18.28 -11.57 30.99
CA GLY D 27 17.15 -12.47 31.12
C GLY D 27 16.95 -13.28 29.86
N GLU D 28 15.96 -14.18 29.86
CA GLU D 28 15.70 -14.99 28.69
C GLU D 28 14.97 -14.17 27.64
N VAL D 29 15.45 -14.29 26.41
CA VAL D 29 14.93 -13.55 25.26
C VAL D 29 14.14 -14.33 24.23
N PHE D 30 13.04 -13.73 23.78
CA PHE D 30 12.18 -14.33 22.77
C PHE D 30 12.00 -13.26 21.71
N VAL D 31 12.01 -13.65 20.45
CA VAL D 31 11.91 -12.69 19.37
C VAL D 31 10.68 -12.82 18.47
N ALA D 32 10.14 -11.67 18.11
CA ALA D 32 8.98 -11.59 17.22
C ALA D 32 9.15 -10.29 16.44
N ALA D 33 9.61 -10.41 15.20
CA ALA D 33 9.83 -9.25 14.34
C ALA D 33 8.99 -9.31 13.06
N PRO D 34 8.63 -8.15 12.51
CA PRO D 34 7.83 -8.10 11.28
C PRO D 34 8.46 -8.81 10.09
N ASP D 35 7.59 -9.39 9.26
CA ASP D 35 7.99 -10.14 8.07
C ASP D 35 8.82 -9.33 7.07
N THR D 36 8.60 -8.02 7.04
CA THR D 36 9.33 -7.14 6.13
C THR D 36 9.61 -5.77 6.75
N HIS D 43 1.00 1.01 12.11
CA HIS D 43 1.62 0.99 13.46
C HIS D 43 0.67 0.44 14.52
N ALA D 44 -0.60 0.30 14.16
CA ALA D 44 -1.60 -0.20 15.09
C ALA D 44 -1.71 -1.72 15.02
N ILE D 45 -2.42 -2.31 15.96
CA ILE D 45 -2.60 -3.75 15.98
C ILE D 45 -3.71 -4.09 14.98
N THR D 46 -3.48 -5.14 14.20
CA THR D 46 -4.44 -5.58 13.20
C THR D 46 -5.63 -6.28 13.83
N ILE D 47 -6.81 -5.70 13.65
CA ILE D 47 -8.04 -6.27 14.19
C ILE D 47 -8.97 -6.62 13.03
N ALA D 48 -8.71 -6.01 11.88
CA ALA D 48 -9.50 -6.23 10.68
C ALA D 48 -9.48 -7.71 10.28
N HIS D 49 -8.28 -8.24 10.08
CA HIS D 49 -8.11 -9.64 9.71
C HIS D 49 -7.09 -10.34 10.62
N PRO D 50 -6.96 -11.68 10.52
CA PRO D 50 -6.02 -12.43 11.34
C PRO D 50 -4.58 -12.23 10.89
N VAL D 51 -3.62 -12.49 11.79
CA VAL D 51 -2.21 -12.33 11.47
C VAL D 51 -1.45 -13.64 11.39
N ARG D 52 -0.56 -13.75 10.42
CA ARG D 52 0.24 -14.96 10.26
C ARG D 52 1.62 -14.82 10.88
N ALA D 53 2.11 -15.93 11.44
CA ALA D 53 3.43 -15.98 12.07
C ALA D 53 4.05 -17.35 11.85
N TYR D 54 5.34 -17.39 11.54
CA TYR D 54 6.03 -18.64 11.29
C TYR D 54 7.25 -18.77 12.20
N PRO D 55 7.55 -19.99 12.67
CA PRO D 55 8.72 -20.13 13.54
C PRO D 55 9.94 -19.74 12.71
N HIS D 56 10.86 -19.01 13.31
CA HIS D 56 12.05 -18.57 12.61
C HIS D 56 13.31 -19.12 13.27
N PRO D 57 14.14 -19.83 12.50
CA PRO D 57 15.39 -20.45 12.94
C PRO D 57 16.51 -19.48 13.32
N SER D 58 17.38 -19.95 14.20
CA SER D 58 18.51 -19.15 14.66
C SER D 58 19.71 -19.46 13.78
N PRO D 59 20.54 -18.44 13.49
CA PRO D 59 21.74 -18.60 12.65
C PRO D 59 22.81 -19.48 13.31
N LEU D 60 23.39 -20.38 12.50
CA LEU D 60 24.42 -21.32 12.97
C LEU D 60 25.46 -20.68 13.91
N HIS D 61 25.97 -19.51 13.52
CA HIS D 61 26.98 -18.82 14.32
C HIS D 61 26.40 -17.76 15.26
N ALA D 62 25.50 -18.18 16.14
CA ALA D 62 24.87 -17.26 17.08
C ALA D 62 24.04 -18.02 18.11
N PRO D 63 23.77 -17.39 19.27
CA PRO D 63 22.97 -18.03 20.32
C PRO D 63 21.55 -18.26 19.79
N HIS D 64 20.93 -19.37 20.17
CA HIS D 64 19.58 -19.61 19.69
C HIS D 64 18.50 -18.91 20.50
N PHE D 65 17.61 -18.22 19.81
CA PHE D 65 16.51 -17.51 20.44
C PHE D 65 15.19 -17.99 19.86
N PRO D 66 14.24 -18.37 20.72
CA PRO D 66 12.96 -18.82 20.16
C PRO D 66 12.46 -17.59 19.42
N ALA D 67 12.11 -17.73 18.14
CA ALA D 67 11.67 -16.58 17.37
C ALA D 67 10.55 -16.82 16.35
N TYR D 68 9.87 -15.74 15.99
CA TYR D 68 8.80 -15.80 15.00
C TYR D 68 8.88 -14.64 14.02
N ARG D 69 8.58 -14.95 12.76
CA ARG D 69 8.55 -13.95 11.72
C ARG D 69 7.04 -13.69 11.64
N VAL D 70 6.64 -12.48 12.01
CA VAL D 70 5.22 -12.13 12.03
C VAL D 70 4.88 -11.18 10.90
N ARG D 71 4.04 -11.60 9.94
CA ARG D 71 3.71 -10.65 8.91
C ARG D 71 2.53 -9.81 9.32
N GLY D 72 2.88 -8.74 10.03
CA GLY D 72 1.96 -7.77 10.55
C GLY D 72 2.79 -6.58 10.98
N THR D 73 2.23 -5.71 11.81
CA THR D 73 2.94 -4.54 12.28
C THR D 73 3.79 -4.83 13.51
N PRO D 74 4.72 -3.93 13.85
CA PRO D 74 5.59 -4.10 15.02
C PRO D 74 4.71 -4.28 16.24
N ALA D 75 3.59 -3.56 16.25
CA ALA D 75 2.65 -3.64 17.36
C ALA D 75 2.05 -5.05 17.42
N ASP D 76 1.81 -5.63 16.25
CA ASP D 76 1.27 -6.98 16.14
C ASP D 76 2.27 -7.96 16.75
N CYS D 77 3.55 -7.73 16.49
CA CYS D 77 4.60 -8.59 17.02
C CYS D 77 4.54 -8.64 18.53
N VAL D 78 4.28 -7.48 19.14
CA VAL D 78 4.19 -7.40 20.59
C VAL D 78 3.00 -8.21 21.08
N ALA D 79 1.84 -7.98 20.46
CA ALA D 79 0.63 -8.68 20.86
C ALA D 79 0.82 -10.19 20.76
N LEU D 80 1.25 -10.65 19.59
CA LEU D 80 1.46 -12.06 19.36
C LEU D 80 2.56 -12.63 20.23
N GLY D 81 3.63 -11.85 20.42
CA GLY D 81 4.73 -12.31 21.25
C GLY D 81 4.28 -12.55 22.68
N LEU D 82 3.43 -11.66 23.19
CA LEU D 82 2.93 -11.81 24.53
C LEU D 82 2.11 -13.08 24.65
N HIS D 83 1.54 -13.52 23.53
CA HIS D 83 0.73 -14.73 23.51
C HIS D 83 1.54 -16.01 23.38
N LEU D 84 2.53 -16.00 22.49
CA LEU D 84 3.37 -17.19 22.28
C LEU D 84 4.45 -17.40 23.34
N PHE D 85 4.92 -16.32 23.94
CA PHE D 85 5.98 -16.41 24.95
C PHE D 85 5.54 -15.91 26.33
N GLY D 86 4.37 -15.27 26.40
CA GLY D 86 3.90 -14.75 27.66
C GLY D 86 4.08 -15.71 28.82
N PRO D 87 4.23 -15.22 30.05
CA PRO D 87 4.25 -13.78 30.37
C PRO D 87 5.61 -13.16 30.12
N VAL D 88 5.60 -11.93 29.62
CA VAL D 88 6.83 -11.20 29.33
C VAL D 88 6.91 -10.03 30.31
N ASP D 89 8.12 -9.74 30.81
CA ASP D 89 8.29 -8.65 31.76
C ASP D 89 8.72 -7.34 31.10
N LEU D 90 9.46 -7.46 30.00
CA LEU D 90 9.99 -6.28 29.31
C LEU D 90 9.88 -6.37 27.79
N VAL D 91 9.67 -5.22 27.15
CA VAL D 91 9.58 -5.18 25.71
C VAL D 91 10.64 -4.23 25.15
N LEU D 92 11.55 -4.78 24.34
CA LEU D 92 12.60 -3.99 23.71
C LEU D 92 12.39 -3.99 22.21
N SER D 93 12.56 -2.82 21.59
CA SER D 93 12.35 -2.67 20.16
C SER D 93 13.59 -2.04 19.49
N GLY D 94 14.08 -2.69 18.45
CA GLY D 94 15.26 -2.22 17.74
C GLY D 94 16.30 -3.34 17.61
N VAL D 95 17.57 -3.00 17.39
CA VAL D 95 18.04 -1.63 17.27
C VAL D 95 17.72 -1.17 15.84
N ASN D 96 17.03 -0.05 15.73
CA ASN D 96 16.65 0.44 14.42
C ASN D 96 17.80 1.04 13.61
N LEU D 97 17.82 0.70 12.31
CA LEU D 97 18.84 1.23 11.41
C LEU D 97 18.29 2.56 10.91
N GLY D 98 18.52 3.60 11.71
CA GLY D 98 18.02 4.92 11.37
C GLY D 98 17.63 5.56 12.68
N SER D 99 17.68 6.88 12.72
CA SER D 99 17.35 7.60 13.95
C SER D 99 15.86 7.70 14.18
N ASN D 100 15.52 8.16 15.38
CA ASN D 100 14.14 8.39 15.80
C ASN D 100 14.23 9.45 16.87
N LEU D 101 14.56 10.67 16.40
CA LEU D 101 14.73 11.84 17.23
C LEU D 101 13.66 12.89 16.97
N GLY D 102 13.39 13.70 17.98
CA GLY D 102 12.42 14.78 17.86
C GLY D 102 11.06 14.41 17.29
N HIS D 103 10.66 15.14 16.25
CA HIS D 103 9.36 14.93 15.61
C HIS D 103 9.22 13.52 15.04
N GLU D 104 10.33 12.88 14.70
CA GLU D 104 10.34 11.53 14.14
C GLU D 104 9.66 10.52 15.06
N ILE D 105 9.74 10.75 16.37
CA ILE D 105 9.15 9.84 17.33
C ILE D 105 7.67 9.50 17.05
N TRP D 106 6.93 10.47 16.53
CA TRP D 106 5.51 10.28 16.22
C TRP D 106 5.22 9.19 15.20
N HIS D 107 5.96 9.21 14.10
CA HIS D 107 5.75 8.23 13.03
C HIS D 107 6.68 7.03 13.09
N SER D 108 7.18 6.70 14.28
CA SER D 108 8.11 5.58 14.40
C SER D 108 7.49 4.22 14.72
N GLY D 109 7.77 3.24 13.87
CA GLY D 109 7.28 1.90 14.08
C GLY D 109 8.04 1.30 15.24
N THR D 110 9.32 1.62 15.32
CA THR D 110 10.18 1.13 16.41
C THR D 110 9.58 1.55 17.75
N VAL D 111 9.27 2.84 17.87
CA VAL D 111 8.69 3.36 19.10
C VAL D 111 7.32 2.77 19.37
N ALA D 112 6.53 2.61 18.31
CA ALA D 112 5.18 2.06 18.44
C ALA D 112 5.16 0.69 19.14
N ALA D 113 6.09 -0.19 18.76
CA ALA D 113 6.16 -1.51 19.37
C ALA D 113 6.40 -1.36 20.87
N ALA D 114 7.35 -0.51 21.23
CA ALA D 114 7.68 -0.28 22.64
C ALA D 114 6.43 0.27 23.31
N LYS D 115 5.81 1.26 22.66
CA LYS D 115 4.61 1.87 23.21
C LYS D 115 3.49 0.84 23.39
N GLN D 116 3.36 -0.07 22.43
CA GLN D 116 2.33 -1.10 22.56
C GLN D 116 2.60 -1.95 23.79
N GLY D 117 3.89 -2.21 24.05
CA GLY D 117 4.24 -3.01 25.21
C GLY D 117 3.83 -2.29 26.48
N TYR D 118 4.02 -0.98 26.48
CA TYR D 118 3.68 -0.16 27.64
C TYR D 118 2.16 -0.16 27.84
N LEU D 119 1.40 -0.05 26.76
CA LEU D 119 -0.06 -0.06 26.85
C LEU D 119 -0.56 -1.38 27.44
N PHE D 120 0.25 -2.44 27.33
CA PHE D 120 -0.13 -3.74 27.87
C PHE D 120 0.33 -3.91 29.31
N GLY D 121 0.79 -2.83 29.91
CA GLY D 121 1.24 -2.87 31.29
C GLY D 121 2.68 -3.29 31.54
N LEU D 122 3.49 -3.35 30.48
CA LEU D 122 4.88 -3.75 30.65
C LEU D 122 5.82 -2.55 30.55
N SER D 123 7.08 -2.76 30.89
CA SER D 123 8.07 -1.70 30.76
C SER D 123 8.63 -1.93 29.35
N ALA D 124 8.98 -0.85 28.65
CA ALA D 124 9.50 -0.98 27.30
C ALA D 124 10.48 0.10 26.91
N ALA D 125 11.25 -0.18 25.85
CA ALA D 125 12.21 0.79 25.35
C ALA D 125 12.46 0.57 23.87
N ALA D 126 12.74 1.66 23.17
CA ALA D 126 13.03 1.61 21.76
C ALA D 126 14.48 2.04 21.59
N PHE D 127 15.19 1.37 20.67
CA PHE D 127 16.58 1.68 20.41
C PHE D 127 16.77 1.99 18.93
N SER D 128 17.48 3.08 18.67
CA SER D 128 17.72 3.49 17.29
C SER D 128 19.12 4.07 17.16
N VAL D 129 19.68 3.96 15.96
CA VAL D 129 21.00 4.50 15.70
C VAL D 129 21.00 5.29 14.40
N PRO D 130 21.36 6.59 14.47
CA PRO D 130 21.40 7.43 13.27
C PRO D 130 22.49 6.89 12.34
N LEU D 131 22.17 6.75 11.06
CA LEU D 131 23.12 6.20 10.10
C LEU D 131 24.19 7.17 9.59
N ASN D 132 23.77 8.35 9.15
CA ASN D 132 24.70 9.36 8.65
C ASN D 132 25.76 8.82 7.68
N GLY D 133 25.31 8.03 6.69
CA GLY D 133 26.22 7.50 5.69
C GLY D 133 27.13 6.33 6.06
N GLU D 134 27.12 5.91 7.32
CA GLU D 134 27.96 4.79 7.72
C GLU D 134 27.13 3.57 8.10
N VAL D 135 27.79 2.44 8.26
CA VAL D 135 27.12 1.21 8.65
C VAL D 135 27.46 0.99 10.13
N PRO D 136 26.43 0.96 11.00
CA PRO D 136 26.64 0.75 12.43
C PRO D 136 27.47 -0.48 12.78
N ASP D 137 28.38 -0.32 13.74
CA ASP D 137 29.24 -1.41 14.20
C ASP D 137 28.69 -1.90 15.53
N PHE D 138 27.88 -2.96 15.48
CA PHE D 138 27.27 -3.47 16.69
C PHE D 138 28.20 -4.10 17.71
N ALA D 139 29.42 -4.42 17.28
CA ALA D 139 30.39 -4.99 18.21
C ALA D 139 30.85 -3.81 19.06
N GLY D 140 31.01 -2.66 18.41
CA GLY D 140 31.42 -1.46 19.12
C GLY D 140 30.27 -0.85 19.91
N LEU D 141 29.05 -1.10 19.48
CA LEU D 141 27.89 -0.56 20.18
C LEU D 141 27.43 -1.44 21.33
N ARG D 142 27.76 -2.71 21.27
CA ARG D 142 27.33 -3.65 22.32
C ARG D 142 27.52 -3.11 23.74
N PRO D 143 28.73 -2.64 24.08
CA PRO D 143 29.01 -2.10 25.42
C PRO D 143 28.03 -1.01 25.83
N TRP D 144 27.65 -0.18 24.86
CA TRP D 144 26.71 0.91 25.13
C TRP D 144 25.28 0.40 25.28
N LEU D 145 24.97 -0.71 24.62
CA LEU D 145 23.64 -1.30 24.73
C LEU D 145 23.54 -1.90 26.13
N LEU D 146 24.60 -2.59 26.53
CA LEU D 146 24.63 -3.19 27.86
C LEU D 146 24.54 -2.12 28.93
N ARG D 147 25.29 -1.02 28.78
CA ARG D 147 25.25 0.04 29.78
C ARG D 147 23.88 0.72 29.84
N THR D 148 23.28 0.93 28.67
CA THR D 148 21.97 1.57 28.59
C THR D 148 20.93 0.67 29.27
N LEU D 149 21.01 -0.62 29.01
CA LEU D 149 20.07 -1.55 29.62
C LEU D 149 20.23 -1.56 31.13
N GLU D 150 21.47 -1.50 31.59
CA GLU D 150 21.77 -1.50 33.01
C GLU D 150 21.08 -0.29 33.63
N THR D 151 21.19 0.85 32.95
CA THR D 151 20.56 2.07 33.43
C THR D 151 19.04 1.95 33.46
N LEU D 152 18.50 1.43 32.36
CA LEU D 152 17.07 1.27 32.22
C LEU D 152 16.45 0.31 33.23
N LEU D 153 17.12 -0.81 33.46
CA LEU D 153 16.61 -1.83 34.36
C LEU D 153 16.60 -1.48 35.85
N ARG D 154 17.01 -0.27 36.19
CA ARG D 154 17.00 0.14 37.58
C ARG D 154 15.96 1.23 37.78
N LEU D 155 15.24 1.55 36.71
CA LEU D 155 14.19 2.56 36.75
C LEU D 155 12.95 2.04 37.47
N GLU D 156 12.17 2.93 38.06
CA GLU D 156 10.95 2.52 38.74
C GLU D 156 10.05 2.03 37.62
N ARG D 157 9.42 0.87 37.79
CA ARG D 157 8.56 0.33 36.74
C ARG D 157 7.07 0.64 36.91
N PRO D 158 6.33 0.68 35.80
CA PRO D 158 6.83 0.45 34.43
C PRO D 158 7.44 1.72 33.84
N PHE D 159 8.29 1.56 32.82
CA PHE D 159 8.92 2.70 32.17
C PHE D 159 8.79 2.60 30.65
N LEU D 160 8.92 3.73 29.98
CA LEU D 160 8.85 3.79 28.52
C LEU D 160 9.91 4.79 28.07
N VAL D 161 10.99 4.30 27.45
CA VAL D 161 12.07 5.18 27.04
C VAL D 161 12.49 5.06 25.58
N ASN D 162 12.76 6.19 24.94
CA ASN D 162 13.22 6.22 23.55
C ASN D 162 14.73 6.46 23.58
N VAL D 163 15.48 5.49 23.09
CA VAL D 163 16.94 5.58 23.09
C VAL D 163 17.55 5.73 21.70
N ASN D 164 18.47 6.68 21.58
CA ASN D 164 19.17 6.90 20.32
C ASN D 164 20.66 6.83 20.61
N LEU D 165 21.35 5.91 19.94
CA LEU D 165 22.78 5.75 20.14
C LEU D 165 23.55 6.23 18.92
N PRO D 166 24.52 7.12 19.14
CA PRO D 166 25.32 7.63 18.02
C PRO D 166 26.25 6.49 17.60
N LEU D 167 26.72 6.51 16.36
CA LEU D 167 27.61 5.46 15.87
C LEU D 167 28.76 5.12 16.82
N ARG D 168 29.45 6.13 17.33
CA ARG D 168 30.56 5.93 18.26
C ARG D 168 30.31 6.80 19.49
N PRO D 169 29.49 6.30 20.43
CA PRO D 169 29.14 6.99 21.68
C PRO D 169 30.32 7.28 22.59
N LYS D 170 30.20 8.33 23.39
CA LYS D 170 31.24 8.72 24.33
C LYS D 170 30.60 9.03 25.68
N GLY D 171 29.29 8.86 25.77
CA GLY D 171 28.59 9.13 27.01
C GLY D 171 27.10 8.82 26.95
N PHE D 172 26.44 8.98 28.09
CA PHE D 172 25.01 8.73 28.20
C PHE D 172 24.34 9.97 28.74
N LEU D 173 23.14 10.25 28.27
CA LEU D 173 22.45 11.45 28.71
C LEU D 173 20.92 11.32 28.68
N TRP D 174 20.27 11.66 29.79
CA TRP D 174 18.82 11.66 29.82
C TRP D 174 18.44 12.92 29.07
N THR D 175 17.49 12.81 28.15
CA THR D 175 17.10 13.96 27.34
C THR D 175 15.61 14.12 27.20
N ARG D 176 15.21 15.31 26.74
CA ARG D 176 13.80 15.59 26.50
C ARG D 176 13.72 15.68 24.97
N GLN D 177 12.55 15.45 24.41
CA GLN D 177 12.38 15.48 22.96
C GLN D 177 12.61 16.86 22.36
N SER D 178 13.33 16.91 21.26
CA SER D 178 13.59 18.16 20.57
C SER D 178 12.31 18.55 19.87
N VAL D 179 11.78 19.72 20.20
CA VAL D 179 10.54 20.19 19.60
C VAL D 179 10.76 21.55 18.95
N ARG D 180 11.00 21.54 17.66
CA ARG D 180 11.24 22.79 16.95
C ARG D 180 10.14 23.11 15.96
N ALA D 181 10.02 24.39 15.64
CA ALA D 181 9.04 24.84 14.67
C ALA D 181 9.71 24.70 13.30
N TYR D 182 8.91 24.65 12.25
CA TYR D 182 9.47 24.50 10.92
C TYR D 182 9.07 25.59 9.95
N GLU D 183 9.91 25.75 8.93
CA GLU D 183 9.66 26.71 7.89
C GLU D 183 9.41 25.88 6.64
N GLY D 184 8.22 26.04 6.07
CA GLY D 184 7.89 25.27 4.89
C GLY D 184 8.77 25.67 3.72
N VAL D 185 9.11 24.70 2.89
CA VAL D 185 9.93 24.95 1.72
C VAL D 185 9.49 24.05 0.59
N VAL D 186 8.99 24.66 -0.48
CA VAL D 186 8.52 23.91 -1.64
C VAL D 186 9.35 24.26 -2.87
N ILE D 187 10.00 23.26 -3.44
CA ILE D 187 10.84 23.44 -4.62
C ILE D 187 10.17 22.83 -5.85
N PRO D 188 9.57 23.67 -6.71
CA PRO D 188 8.91 23.16 -7.91
C PRO D 188 9.89 22.52 -8.89
N GLY D 189 9.37 21.66 -9.75
CA GLY D 189 10.21 21.01 -10.73
C GLY D 189 9.34 20.33 -11.77
N GLU D 190 9.97 19.68 -12.73
CA GLU D 190 9.24 18.98 -13.77
C GLU D 190 10.03 17.77 -14.22
N ASP D 191 9.32 16.68 -14.49
CA ASP D 191 9.94 15.44 -14.92
C ASP D 191 10.40 15.53 -16.37
N PRO D 192 11.16 14.53 -16.85
CA PRO D 192 11.62 14.56 -18.23
C PRO D 192 10.48 14.69 -19.25
N MET D 193 9.27 14.34 -18.81
CA MET D 193 8.11 14.41 -19.70
C MET D 193 7.38 15.75 -19.60
N GLY D 194 8.05 16.74 -19.01
CA GLY D 194 7.47 18.07 -18.89
C GLY D 194 6.52 18.30 -17.72
N ARG D 195 5.88 17.24 -17.24
CA ARG D 195 4.94 17.36 -16.13
C ARG D 195 5.61 17.95 -14.88
N PRO D 196 4.95 18.93 -14.24
CA PRO D 196 5.48 19.58 -13.05
C PRO D 196 5.23 18.79 -11.76
N PHE D 197 6.08 19.00 -10.76
CA PHE D 197 5.93 18.34 -9.47
C PHE D 197 6.51 19.24 -8.37
N TYR D 198 6.52 18.75 -7.14
CA TYR D 198 7.03 19.55 -6.03
C TYR D 198 7.94 18.79 -5.07
N TRP D 199 9.03 19.44 -4.69
CA TRP D 199 9.97 18.87 -3.74
C TRP D 199 9.68 19.57 -2.41
N PHE D 200 9.65 18.80 -1.34
CA PHE D 200 9.43 19.38 -0.02
C PHE D 200 10.74 19.31 0.72
N ALA D 201 11.13 20.41 1.35
CA ALA D 201 12.37 20.46 2.09
C ALA D 201 12.20 21.38 3.30
N PRO D 202 11.22 21.08 4.16
CA PRO D 202 11.00 21.91 5.33
C PRO D 202 12.23 21.83 6.24
N ARG D 203 12.57 22.94 6.89
CA ARG D 203 13.71 22.96 7.78
C ARG D 203 13.40 23.62 9.12
N PRO D 204 14.05 23.16 10.20
CA PRO D 204 13.84 23.73 11.53
C PRO D 204 14.29 25.18 11.58
N LEU D 205 13.51 26.02 12.25
CA LEU D 205 13.80 27.44 12.35
C LEU D 205 15.06 27.74 13.16
N LYS D 206 15.52 26.76 13.94
CA LYS D 206 16.73 26.95 14.74
C LYS D 206 17.38 25.60 15.01
N GLU D 207 18.52 25.63 15.69
CA GLU D 207 19.24 24.41 15.99
C GLU D 207 18.73 23.78 17.29
N ALA D 208 18.92 22.47 17.42
CA ALA D 208 18.48 21.73 18.58
C ALA D 208 19.00 22.34 19.88
N GLU D 209 18.13 22.46 20.86
CA GLU D 209 18.49 23.02 22.16
C GLU D 209 19.27 22.02 23.00
N GLU D 210 20.15 22.52 23.87
CA GLU D 210 20.93 21.64 24.73
C GLU D 210 19.99 20.89 25.66
N GLY D 211 20.22 19.60 25.82
CA GLY D 211 19.35 18.81 26.67
C GLY D 211 18.33 18.01 25.89
N THR D 212 18.30 18.19 24.57
CA THR D 212 17.36 17.47 23.73
C THR D 212 18.05 16.24 23.14
N ASP D 213 17.25 15.29 22.67
CA ASP D 213 17.79 14.09 22.07
C ASP D 213 18.70 14.40 20.89
N ARG D 214 18.27 15.30 20.00
CA ARG D 214 19.08 15.67 18.86
C ARG D 214 20.43 16.25 19.26
N TRP D 215 20.40 17.20 20.19
CA TRP D 215 21.64 17.81 20.66
C TRP D 215 22.54 16.71 21.23
N ALA D 216 21.96 15.87 22.09
CA ALA D 216 22.70 14.78 22.72
C ALA D 216 23.50 13.93 21.74
N VAL D 217 22.84 13.30 20.78
CA VAL D 217 23.53 12.45 19.82
C VAL D 217 24.54 13.26 19.00
N ALA D 218 24.23 14.53 18.76
CA ALA D 218 25.13 15.40 18.00
C ALA D 218 26.44 15.52 18.75
N GLN D 219 26.35 15.64 20.08
CA GLN D 219 27.54 15.75 20.92
C GLN D 219 28.24 14.39 21.10
N GLY D 220 27.60 13.33 20.61
CA GLY D 220 28.19 12.00 20.72
C GLY D 220 27.71 11.20 21.93
N PHE D 221 26.59 11.61 22.52
CA PHE D 221 26.04 10.94 23.69
C PHE D 221 24.84 10.06 23.35
N VAL D 222 24.71 8.96 24.08
CA VAL D 222 23.56 8.08 23.91
C VAL D 222 22.42 8.92 24.50
N SER D 223 21.29 8.98 23.80
CA SER D 223 20.14 9.74 24.28
C SER D 223 19.01 8.84 24.75
N ALA D 224 18.47 9.15 25.93
CA ALA D 224 17.37 8.37 26.50
C ALA D 224 16.29 9.35 26.96
N THR D 225 15.18 9.35 26.25
CA THR D 225 14.06 10.23 26.56
C THR D 225 12.90 9.45 27.13
N PRO D 226 12.46 9.78 28.34
CA PRO D 226 11.33 9.04 28.89
C PRO D 226 10.09 9.60 28.19
N LEU D 227 9.20 8.73 27.74
CA LEU D 227 8.01 9.17 27.01
C LEU D 227 6.72 9.10 27.80
N ARG D 228 5.78 9.96 27.44
CA ARG D 228 4.47 9.98 28.07
C ARG D 228 3.45 9.51 27.04
N LEU D 229 2.36 8.90 27.49
CA LEU D 229 1.31 8.44 26.58
C LEU D 229 0.26 9.50 26.37
N ASP D 230 0.10 10.33 27.39
CA ASP D 230 -0.89 11.38 27.39
C ASP D 230 -0.51 12.57 26.50
N LEU D 231 -1.25 12.75 25.40
CA LEU D 231 -0.97 13.83 24.48
C LEU D 231 -1.75 15.11 24.74
N THR D 232 -2.58 15.14 25.77
CA THR D 232 -3.31 16.37 26.03
C THR D 232 -2.40 17.45 26.59
N ASP D 233 -2.68 18.70 26.19
CA ASP D 233 -1.92 19.83 26.67
C ASP D 233 -2.75 20.33 27.85
N GLU D 234 -2.53 19.76 29.04
CA GLU D 234 -3.28 20.14 30.22
C GLU D 234 -3.20 21.63 30.49
N THR D 235 -2.17 22.27 29.94
CA THR D 235 -1.96 23.70 30.10
C THR D 235 -3.09 24.54 29.53
N ARG D 236 -3.74 24.05 28.48
CA ARG D 236 -4.82 24.80 27.85
C ARG D 236 -6.22 24.22 28.08
N LEU D 237 -6.47 23.72 29.29
CA LEU D 237 -7.78 23.18 29.62
C LEU D 237 -8.67 24.23 30.31
MG MG E . -8.16 3.67 -10.28
W WO4 F . -6.52 1.07 -12.22
O1 WO4 F . -5.59 0.14 -11.10
O2 WO4 F . -5.48 1.67 -13.48
O3 WO4 F . -7.26 2.42 -11.43
O4 WO4 F . -7.74 0.06 -12.94
S SO4 G . 0.74 0.94 -25.92
O1 SO4 G . 1.13 -0.16 -25.04
O2 SO4 G . 0.73 0.45 -27.31
O3 SO4 G . -0.60 1.42 -25.54
O4 SO4 G . 1.70 2.04 -25.80
S SO4 H . 1.34 8.62 -27.12
O1 SO4 H . 2.20 7.97 -26.13
O2 SO4 H . 1.92 8.44 -28.46
O3 SO4 H . -0.01 8.01 -27.08
O4 SO4 H . 1.23 10.06 -26.81
S SO4 I . -10.29 -16.58 -25.01
O1 SO4 I . -10.41 -17.95 -24.50
O2 SO4 I . -11.06 -15.66 -24.14
O3 SO4 I . -8.87 -16.17 -25.01
O4 SO4 I . -10.82 -16.51 -26.38
S SO4 J . 8.28 -20.98 -34.18
O1 SO4 J . 8.52 -20.80 -32.74
O2 SO4 J . 6.91 -21.48 -34.40
O3 SO4 J . 8.45 -19.67 -34.87
O4 SO4 J . 9.25 -21.95 -34.72
C1 GOL K . -31.17 -1.80 -7.66
O1 GOL K . -31.88 -2.11 -6.47
C2 GOL K . -31.94 -0.76 -8.46
O2 GOL K . -32.10 0.42 -7.67
C3 GOL K . -31.17 -0.44 -9.74
O3 GOL K . -31.88 0.52 -10.51
MG MG L . 6.87 -14.26 -5.77
W WO4 M . 4.21 -13.34 -8.29
O1 WO4 M . 3.62 -11.79 -7.78
O2 WO4 M . 2.93 -14.50 -8.21
O3 WO4 M . 5.49 -13.86 -7.24
O4 WO4 M . 4.79 -13.25 -9.92
S SO4 N . -6.74 -22.10 -14.43
O1 SO4 N . -5.28 -22.08 -14.44
O2 SO4 N . -7.26 -22.88 -15.55
O3 SO4 N . -7.19 -22.71 -13.16
O4 SO4 N . -7.26 -20.72 -14.51
S SO4 O . -6.74 -27.84 -9.65
O1 SO4 O . -7.03 -28.05 -8.21
O2 SO4 O . -7.87 -28.34 -10.46
O3 SO4 O . -6.52 -26.41 -9.90
O4 SO4 O . -5.51 -28.59 -10.01
S SO4 P . -9.50 -16.72 -8.99
O1 SO4 P . -8.96 -15.34 -9.20
O2 SO4 P . -10.28 -17.16 -10.20
O3 SO4 P . -8.39 -17.67 -8.72
O4 SO4 P . -10.39 -16.73 -7.80
C1 GOL Q . 29.53 -11.68 -14.53
O1 GOL Q . 28.43 -11.07 -15.20
C2 GOL Q . 29.08 -12.97 -13.85
O2 GOL Q . 28.56 -13.90 -14.83
C3 GOL Q . 30.29 -13.60 -13.12
O3 GOL Q . 29.90 -14.81 -12.47
MG MG R . -9.49 8.46 7.64
W WO4 S . -7.06 8.21 10.14
O1 WO4 S . -5.65 7.53 9.38
O2 WO4 S . -7.51 7.23 11.50
O3 WO4 S . -8.37 8.28 9.03
O4 WO4 S . -6.68 9.82 10.69
S SO4 T . -8.20 4.57 25.01
O1 SO4 T . -6.80 4.47 24.57
O2 SO4 T . -8.88 3.28 24.80
O3 SO4 T . -8.22 4.93 26.44
O4 SO4 T . -8.87 5.61 24.22
MG MG U . 13.47 0.74 10.53
W WO4 V . 11.07 3.41 11.72
O1 WO4 V . 9.48 3.02 11.12
O2 WO4 V . 11.57 4.94 11.09
O3 WO4 V . 12.19 2.19 11.22
O4 WO4 V . 11.01 3.49 13.45
S SO4 W . 12.90 18.44 15.62
O1 SO4 W . 13.74 18.71 14.45
O2 SO4 W . 13.32 17.17 16.25
O3 SO4 W . 13.06 19.52 16.61
O4 SO4 W . 11.50 18.35 15.20
S SO4 X . 19.58 19.73 12.17
O1 SO4 X . 19.96 20.01 10.76
O2 SO4 X . 20.68 19.02 12.85
O3 SO4 X . 19.32 21.01 12.87
O4 SO4 X . 18.37 18.89 12.19
#